data_6EB3
#
_entry.id   6EB3
#
_cell.length_a   71.650
_cell.length_b   105.950
_cell.length_c   145.940
_cell.angle_alpha   90.00
_cell.angle_beta   90.00
_cell.angle_gamma   90.00
#
_symmetry.space_group_name_H-M   'P 21 21 21'
#
loop_
_entity.id
_entity.type
_entity.pdbx_description
1 polymer Est1
2 non-polymer GLYCEROL
3 non-polymer '1,3-dihydroxypropan-2-yl butanoate'
4 non-polymer 1,2-ETHANEDIOL
5 non-polymer '2-hydroxypropane-1,3-diyl dibutanoate'
6 non-polymer 'PHOSPHATE ION'
7 non-polymer 'GAMMA-AMINO-BUTANOIC ACID'
8 non-polymer 'SULFATE ION'
9 water water
#
_entity_poly.entity_id   1
_entity_poly.type   'polypeptide(L)'
_entity_poly.pdbx_seq_one_letter_code
;MLYAQVNGINLHYEIEGQGQPLLLIMGLGAPAAAWDPIFVQTLTKTHQVIIYDNRGTGLSDKPDMPYSIAMFASDAVGLL
DALNIPRAHVFGVSMGGMIAQELAIHYPQRVASLILGCTTPGGKHAVPAPPESLKALEGRAGLTPEEAIREGWKLSFSEE
FIHTHKAELEAHIPRLLAQLTPRFAYERHFQATMTLRVFKQLKEIQAPTLVATGRDDMLIPAVNSEILAREIPGAELAIF
ESAGHGFVTSAREPFLKVLKEFLARQSV
;
_entity_poly.pdbx_strand_id   A,B,C,D
#
loop_
_chem_comp.id
_chem_comp.type
_chem_comp.name
_chem_comp.formula
ABU non-polymer 'GAMMA-AMINO-BUTANOIC ACID' 'C4 H9 N O2'
EDO non-polymer 1,2-ETHANEDIOL 'C2 H6 O2'
GOL non-polymer GLYCEROL 'C3 H8 O3'
J3G non-polymer '2-hydroxypropane-1,3-diyl dibutanoate' 'C11 H20 O5'
J3J non-polymer '1,3-dihydroxypropan-2-yl butanoate' 'C7 H14 O4'
PO4 non-polymer 'PHOSPHATE ION' 'O4 P -3'
SO4 non-polymer 'SULFATE ION' 'O4 S -2'
#
# COMPACT_ATOMS: atom_id res chain seq x y z
N MET A 1 -38.01 -4.85 8.12
N MET A 1 -37.85 -3.04 6.74
CA MET A 1 -38.00 -4.93 6.62
CA MET A 1 -37.93 -4.54 6.63
C MET A 1 -36.60 -5.14 5.98
C MET A 1 -36.62 -5.09 6.02
N LEU A 2 -35.51 -4.74 6.66
CA LEU A 2 -34.14 -5.02 6.15
C LEU A 2 -33.46 -6.18 6.84
N TYR A 3 -32.74 -6.98 6.06
CA TYR A 3 -32.07 -8.16 6.56
C TYR A 3 -30.68 -8.26 5.94
N ALA A 4 -29.75 -8.79 6.71
CA ALA A 4 -28.44 -9.13 6.19
C ALA A 4 -28.26 -10.63 6.38
N GLN A 5 -27.79 -11.32 5.34
CA GLN A 5 -27.54 -12.74 5.51
C GLN A 5 -26.11 -12.93 5.97
N VAL A 6 -25.97 -13.51 7.15
CA VAL A 6 -24.73 -13.56 7.89
C VAL A 6 -24.61 -14.96 8.46
N ASN A 7 -23.49 -15.63 8.20
CA ASN A 7 -23.24 -16.99 8.71
C ASN A 7 -24.42 -17.92 8.39
N GLY A 8 -24.96 -17.81 7.18
CA GLY A 8 -26.09 -18.62 6.75
C GLY A 8 -27.43 -18.35 7.40
N ILE A 9 -27.56 -17.22 8.08
CA ILE A 9 -28.82 -16.83 8.69
C ILE A 9 -29.18 -15.40 8.41
N ASN A 10 -30.44 -15.08 8.54
CA ASN A 10 -30.94 -13.72 8.33
C ASN A 10 -31.05 -12.93 9.63
N LEU A 11 -30.37 -11.79 9.66
CA LEU A 11 -30.38 -10.89 10.77
C LEU A 11 -31.10 -9.61 10.40
N HIS A 12 -32.19 -9.31 11.12
CA HIS A 12 -32.88 -8.04 10.98
C HIS A 12 -32.07 -6.89 11.61
N TYR A 13 -31.90 -5.79 10.88
CA TYR A 13 -31.22 -4.60 11.40
C TYR A 13 -31.97 -3.35 10.96
N GLU A 14 -31.68 -2.25 11.63
CA GLU A 14 -32.08 -0.93 11.18
C GLU A 14 -30.86 -0.04 11.25
N ILE A 15 -30.76 0.89 10.32
CA ILE A 15 -29.65 1.82 10.26
C ILE A 15 -30.22 3.22 10.01
N GLU A 16 -29.73 4.21 10.77
CA GLU A 16 -30.25 5.56 10.71
C GLU A 16 -29.17 6.56 11.09
N GLY A 17 -29.21 7.68 10.40
CA GLY A 17 -28.37 8.82 10.70
C GLY A 17 -27.20 8.86 9.75
N GLN A 18 -26.46 9.97 9.86
CA GLN A 18 -25.25 10.20 9.13
C GLN A 18 -24.15 10.48 10.12
N GLY A 19 -22.93 10.15 9.72
CA GLY A 19 -21.77 10.30 10.55
C GLY A 19 -21.04 8.98 10.64
N GLN A 20 -20.14 8.91 11.60
CA GLN A 20 -19.34 7.71 11.79
C GLN A 20 -20.25 6.58 12.30
N PRO A 21 -19.96 5.34 11.87
CA PRO A 21 -20.80 4.23 12.28
C PRO A 21 -20.68 3.87 13.77
N LEU A 22 -21.84 3.67 14.41
CA LEU A 22 -21.94 3.28 15.81
C LEU A 22 -22.85 2.06 15.89
N LEU A 23 -22.26 0.91 16.20
CA LEU A 23 -22.99 -0.34 16.33
C LEU A 23 -23.39 -0.54 17.78
N LEU A 24 -24.69 -0.75 17.99
CA LEU A 24 -25.28 -0.97 19.30
C LEU A 24 -25.64 -2.43 19.42
N ILE A 25 -25.20 -3.06 20.51
CA ILE A 25 -25.39 -4.49 20.70
C ILE A 25 -26.19 -4.69 21.96
N MET A 26 -27.32 -5.37 21.82
CA MET A 26 -28.32 -5.50 22.88
C MET A 26 -28.02 -6.80 23.66
N GLY A 27 -28.56 -6.88 24.87
CA GLY A 27 -28.33 -8.00 25.76
C GLY A 27 -29.19 -9.22 25.64
N LEU A 28 -29.29 -9.96 26.75
CA LEU A 28 -29.72 -11.36 26.76
C LEU A 28 -31.15 -11.49 26.32
N GLY A 29 -31.33 -12.15 25.19
CA GLY A 29 -32.64 -12.48 24.65
C GLY A 29 -33.44 -11.25 24.16
N ALA A 30 -32.77 -10.12 23.98
CA ALA A 30 -33.44 -8.86 23.71
C ALA A 30 -33.24 -8.41 22.25
N PRO A 31 -34.32 -8.00 21.58
CA PRO A 31 -34.20 -7.55 20.19
C PRO A 31 -33.83 -6.08 20.15
N ALA A 32 -33.61 -5.57 18.94
CA ALA A 32 -33.35 -4.13 18.73
C ALA A 32 -34.45 -3.24 19.33
N ALA A 33 -35.69 -3.71 19.28
CA ALA A 33 -36.84 -2.97 19.87
C ALA A 33 -36.67 -2.69 21.37
N ALA A 34 -35.84 -3.45 22.08
CA ALA A 34 -35.58 -3.14 23.48
C ALA A 34 -34.77 -1.86 23.75
N TRP A 35 -34.11 -1.30 22.73
CA TRP A 35 -33.37 -0.06 22.92
C TRP A 35 -34.31 1.08 23.33
N ASP A 36 -33.87 1.86 24.31
CA ASP A 36 -34.49 3.12 24.65
C ASP A 36 -34.56 4.01 23.39
N PRO A 37 -35.78 4.33 22.91
CA PRO A 37 -35.86 5.06 21.62
C PRO A 37 -35.28 6.46 21.61
N ILE A 38 -35.41 7.20 22.71
CA ILE A 38 -34.90 8.55 22.76
C ILE A 38 -33.38 8.51 22.71
N PHE A 39 -32.79 7.55 23.41
CA PHE A 39 -31.35 7.32 23.38
C PHE A 39 -30.87 7.12 21.92
N VAL A 40 -31.49 6.17 21.22
CA VAL A 40 -31.11 5.85 19.85
C VAL A 40 -31.34 7.03 18.89
N GLN A 41 -32.51 7.65 18.98
CA GLN A 41 -32.83 8.78 18.12
C GLN A 41 -31.84 9.94 18.33
N THR A 42 -31.48 10.21 19.57
CA THR A 42 -30.50 11.26 19.88
C THR A 42 -29.15 10.97 19.24
N LEU A 43 -28.69 9.71 19.29
CA LEU A 43 -27.42 9.34 18.68
C LEU A 43 -27.39 9.49 17.15
N THR A 44 -28.54 9.31 16.49
CA THR A 44 -28.63 9.49 15.03
C THR A 44 -28.30 10.91 14.55
N LYS A 45 -28.42 11.90 15.43
CA LYS A 45 -28.05 13.28 15.10
C LYS A 45 -26.57 13.45 14.84
N THR A 46 -25.71 12.63 15.44
CA THR A 46 -24.25 12.73 15.27
C THR A 46 -23.59 11.53 14.60
N HIS A 47 -24.24 10.37 14.65
CA HIS A 47 -23.64 9.13 14.18
C HIS A 47 -24.63 8.37 13.30
N GLN A 48 -24.08 7.50 12.48
CA GLN A 48 -24.85 6.50 11.77
C GLN A 48 -25.03 5.29 12.72
N VAL A 49 -26.22 5.15 13.30
CA VAL A 49 -26.50 4.18 14.34
C VAL A 49 -27.04 2.92 13.72
N ILE A 50 -26.45 1.79 14.10
CA ILE A 50 -26.90 0.48 13.68
C ILE A 50 -27.41 -0.30 14.88
N ILE A 51 -28.66 -0.73 14.82
CA ILE A 51 -29.23 -1.61 15.81
C ILE A 51 -29.72 -2.87 15.12
N TYR A 52 -29.80 -3.96 15.87
CA TYR A 52 -30.17 -5.23 15.29
C TYR A 52 -30.67 -6.26 16.27
N ASP A 53 -31.33 -7.26 15.71
CA ASP A 53 -31.82 -8.40 16.45
C ASP A 53 -30.77 -9.49 16.35
N ASN A 54 -30.17 -9.83 17.49
CA ASN A 54 -29.33 -11.03 17.56
C ASN A 54 -30.15 -12.24 17.16
N ARG A 55 -29.47 -13.25 16.61
CA ARG A 55 -30.17 -14.49 16.32
C ARG A 55 -30.87 -15.01 17.56
N GLY A 56 -32.07 -15.51 17.38
CA GLY A 56 -32.92 -15.92 18.46
C GLY A 56 -33.93 -14.87 18.87
N THR A 57 -33.77 -13.62 18.40
CA THR A 57 -34.60 -12.51 18.86
C THR A 57 -35.27 -11.78 17.71
N GLY A 58 -36.30 -11.02 18.06
CA GLY A 58 -36.99 -10.13 17.15
C GLY A 58 -37.43 -10.80 15.87
N LEU A 59 -37.02 -10.22 14.76
CA LEU A 59 -37.32 -10.73 13.45
C LEU A 59 -36.17 -11.48 12.82
N SER A 60 -35.07 -11.70 13.54
CA SER A 60 -33.98 -12.48 12.98
C SER A 60 -34.31 -13.97 12.99
N ASP A 61 -33.54 -14.77 12.24
CA ASP A 61 -33.67 -16.22 12.34
C ASP A 61 -33.29 -16.68 13.74
N LYS A 62 -33.86 -17.81 14.14
CA LYS A 62 -33.78 -18.34 15.49
C LYS A 62 -33.39 -19.82 15.44
N PRO A 63 -32.21 -20.14 14.88
CA PRO A 63 -31.79 -21.54 14.85
C PRO A 63 -31.64 -22.13 16.26
N ASP A 64 -32.10 -23.36 16.43
CA ASP A 64 -32.03 -24.03 17.72
C ASP A 64 -30.74 -24.85 17.77
N MET A 65 -29.68 -24.18 18.20
CA MET A 65 -28.33 -24.72 18.26
C MET A 65 -27.61 -24.01 19.43
N PRO A 66 -26.51 -24.60 19.93
CA PRO A 66 -25.76 -23.86 20.95
C PRO A 66 -25.31 -22.52 20.42
N TYR A 67 -25.56 -21.45 21.19
CA TYR A 67 -25.04 -20.13 20.87
C TYR A 67 -23.83 -19.90 21.76
N SER A 68 -22.95 -19.02 21.32
CA SER A 68 -21.81 -18.57 22.11
C SER A 68 -21.55 -17.10 21.88
N ILE A 69 -20.75 -16.51 22.77
CA ILE A 69 -20.33 -15.12 22.60
C ILE A 69 -19.49 -14.94 21.29
N ALA A 70 -18.62 -15.89 21.00
CA ALA A 70 -17.84 -15.89 19.74
C ALA A 70 -18.73 -15.88 18.50
N MET A 71 -19.78 -16.69 18.54
CA MET A 71 -20.78 -16.72 17.47
C MET A 71 -21.50 -15.38 17.32
N PHE A 72 -21.95 -14.81 18.44
CA PHE A 72 -22.60 -13.49 18.40
C PHE A 72 -21.64 -12.44 17.83
N ALA A 73 -20.37 -12.53 18.20
CA ALA A 73 -19.40 -11.55 17.72
C ALA A 73 -19.19 -11.71 16.22
N SER A 74 -19.10 -12.94 15.75
CA SER A 74 -19.03 -13.27 14.33
C SER A 74 -20.24 -12.74 13.54
N ASP A 75 -21.45 -12.86 14.11
CA ASP A 75 -22.66 -12.28 13.54
C ASP A 75 -22.56 -10.76 13.41
N ALA A 76 -22.05 -10.10 14.45
CA ALA A 76 -21.92 -8.65 14.44
C ALA A 76 -20.93 -8.18 13.37
N VAL A 77 -19.80 -8.87 13.25
CA VAL A 77 -18.80 -8.56 12.22
CA VAL A 77 -18.82 -8.56 12.22
C VAL A 77 -19.38 -8.79 10.83
N GLY A 78 -20.15 -9.86 10.67
CA GLY A 78 -20.80 -10.17 9.41
C GLY A 78 -21.80 -9.11 9.01
N LEU A 79 -22.48 -8.52 9.99
CA LEU A 79 -23.40 -7.44 9.71
C LEU A 79 -22.66 -6.25 9.16
N LEU A 80 -21.55 -5.91 9.82
CA LEU A 80 -20.68 -4.83 9.35
C LEU A 80 -20.13 -5.13 7.94
N ASP A 81 -19.79 -6.38 7.64
CA ASP A 81 -19.33 -6.76 6.30
C ASP A 81 -20.42 -6.55 5.27
N ALA A 82 -21.63 -7.03 5.56
CA ALA A 82 -22.77 -6.84 4.68
C ALA A 82 -23.07 -5.36 4.40
N LEU A 83 -22.92 -4.52 5.41
CA LEU A 83 -23.10 -3.05 5.28
C LEU A 83 -21.86 -2.36 4.73
N ASN A 84 -20.80 -3.12 4.45
CA ASN A 84 -19.57 -2.59 3.94
C ASN A 84 -19.01 -1.48 4.85
N ILE A 85 -19.00 -1.74 6.17
CA ILE A 85 -18.40 -0.84 7.16
C ILE A 85 -17.10 -1.49 7.67
N PRO A 86 -15.95 -0.93 7.29
CA PRO A 86 -14.70 -1.53 7.78
C PRO A 86 -14.48 -1.38 9.30
N ARG A 87 -14.89 -0.25 9.87
CA ARG A 87 -14.58 0.07 11.26
C ARG A 87 -15.77 0.75 11.93
N ALA A 88 -16.14 0.33 13.13
CA ALA A 88 -17.27 0.96 13.82
C ALA A 88 -16.97 1.22 15.29
N HIS A 89 -17.60 2.25 15.83
CA HIS A 89 -17.68 2.39 17.29
C HIS A 89 -18.70 1.35 17.76
N VAL A 90 -18.39 0.66 18.85
CA VAL A 90 -19.24 -0.42 19.36
C VAL A 90 -19.67 -0.11 20.78
N PHE A 91 -20.99 -0.08 21.01
CA PHE A 91 -21.55 0.05 22.35
C PHE A 91 -22.42 -1.19 22.62
N GLY A 92 -22.07 -1.94 23.66
CA GLY A 92 -22.82 -3.12 24.04
C GLY A 92 -23.24 -3.06 25.50
N VAL A 93 -24.50 -3.44 25.77
CA VAL A 93 -25.09 -3.44 27.09
C VAL A 93 -25.27 -4.87 27.54
N SER A 94 -24.86 -5.15 28.77
CA SER A 94 -25.07 -6.45 29.40
C SER A 94 -24.40 -7.56 28.61
N MET A 95 -25.10 -8.62 28.21
CA MET A 95 -24.56 -9.61 27.29
C MET A 95 -24.03 -8.96 26.01
N GLY A 96 -24.63 -7.88 25.56
CA GLY A 96 -24.10 -7.12 24.42
C GLY A 96 -22.71 -6.56 24.69
N GLY A 97 -22.48 -6.16 25.94
CA GLY A 97 -21.16 -5.78 26.40
C GLY A 97 -20.16 -6.91 26.37
N MET A 98 -20.62 -8.13 26.61
CA MET A 98 -19.75 -9.30 26.52
C MET A 98 -19.37 -9.54 25.07
N ILE A 99 -20.34 -9.36 24.17
CA ILE A 99 -20.11 -9.50 22.75
C ILE A 99 -19.09 -8.45 22.29
N ALA A 100 -19.27 -7.22 22.77
CA ALA A 100 -18.34 -6.13 22.46
C ALA A 100 -16.89 -6.42 22.90
N GLN A 101 -16.73 -7.01 24.09
CA GLN A 101 -15.40 -7.38 24.58
C GLN A 101 -14.75 -8.40 23.62
N GLU A 102 -15.51 -9.41 23.27
CA GLU A 102 -15.09 -10.42 22.31
C GLU A 102 -14.68 -9.80 20.95
N LEU A 103 -15.46 -8.83 20.48
CA LEU A 103 -15.11 -8.08 19.28
C LEU A 103 -13.79 -7.33 19.40
N ALA A 104 -13.60 -6.63 20.51
CA ALA A 104 -12.38 -5.84 20.73
C ALA A 104 -11.13 -6.73 20.84
N ILE A 105 -11.28 -7.96 21.33
CA ILE A 105 -10.17 -8.88 21.49
C ILE A 105 -9.85 -9.61 20.17
N HIS A 106 -10.87 -10.20 19.56
CA HIS A 106 -10.71 -11.07 18.39
C HIS A 106 -10.85 -10.38 17.04
N TYR A 107 -11.43 -9.18 16.99
CA TYR A 107 -11.57 -8.43 15.73
C TYR A 107 -11.22 -6.95 15.93
N PRO A 108 -10.02 -6.67 16.49
CA PRO A 108 -9.66 -5.29 16.87
C PRO A 108 -9.66 -4.31 15.69
N GLN A 109 -9.30 -4.81 14.50
CA GLN A 109 -9.35 -4.03 13.27
C GLN A 109 -10.74 -3.49 12.90
N ARG A 110 -11.80 -4.12 13.38
CA ARG A 110 -13.18 -3.71 13.09
CA ARG A 110 -13.18 -3.71 13.09
C ARG A 110 -13.75 -2.72 14.10
N VAL A 111 -13.03 -2.49 15.20
CA VAL A 111 -13.54 -1.72 16.34
C VAL A 111 -12.76 -0.43 16.47
N ALA A 112 -13.45 0.70 16.30
CA ALA A 112 -12.85 2.00 16.38
C ALA A 112 -12.74 2.48 17.82
N SER A 113 -13.84 2.38 18.54
CA SER A 113 -13.87 2.61 19.99
C SER A 113 -14.90 1.68 20.61
N LEU A 114 -14.80 1.50 21.93
CA LEU A 114 -15.52 0.47 22.64
C LEU A 114 -16.20 1.11 23.82
N ILE A 115 -17.51 0.89 23.94
CA ILE A 115 -18.26 1.31 25.11
C ILE A 115 -18.95 0.08 25.70
N LEU A 116 -18.70 -0.17 26.98
CA LEU A 116 -19.15 -1.35 27.69
C LEU A 116 -20.12 -0.91 28.76
N GLY A 117 -21.40 -1.19 28.55
CA GLY A 117 -22.50 -0.77 29.44
C GLY A 117 -22.97 -1.90 30.30
N CYS A 118 -23.11 -1.63 31.61
CA CYS A 118 -23.55 -2.63 32.61
C CYS A 118 -23.16 -4.07 32.25
N THR A 119 -21.87 -4.31 32.06
CA THR A 119 -21.43 -5.62 31.63
C THR A 119 -20.37 -6.24 32.54
N THR A 120 -19.82 -7.39 32.13
CA THR A 120 -18.96 -8.19 32.97
C THR A 120 -17.98 -8.98 32.13
N PRO A 121 -16.79 -9.24 32.65
CA PRO A 121 -15.89 -10.12 31.92
C PRO A 121 -16.14 -11.58 32.15
N GLY A 122 -17.09 -11.94 32.99
CA GLY A 122 -17.39 -13.33 33.31
C GLY A 122 -16.25 -14.01 34.06
N GLY A 123 -16.45 -15.30 34.31
CA GLY A 123 -15.45 -16.14 34.97
C GLY A 123 -15.45 -15.93 36.48
N LYS A 124 -14.53 -16.64 37.13
CA LYS A 124 -14.32 -16.60 38.56
C LYS A 124 -13.89 -15.24 39.13
N HIS A 125 -13.30 -14.35 38.31
CA HIS A 125 -12.97 -13.01 38.80
C HIS A 125 -14.15 -12.02 38.76
N ALA A 126 -15.22 -12.38 38.05
CA ALA A 126 -16.39 -11.55 37.96
C ALA A 126 -17.26 -11.77 39.17
N VAL A 127 -18.19 -10.84 39.39
CA VAL A 127 -19.20 -10.97 40.42
C VAL A 127 -20.55 -11.14 39.75
N PRO A 128 -21.16 -12.32 39.77
CA PRO A 128 -22.54 -12.20 39.19
C PRO A 128 -23.58 -11.93 40.27
N ALA A 129 -24.70 -11.38 39.84
CA ALA A 129 -25.94 -11.49 40.59
C ALA A 129 -26.33 -12.97 40.62
N PRO A 130 -27.21 -13.34 41.56
CA PRO A 130 -27.73 -14.71 41.54
C PRO A 130 -28.36 -15.02 40.18
N PRO A 131 -28.04 -16.21 39.58
CA PRO A 131 -28.80 -16.74 38.44
C PRO A 131 -30.33 -16.66 38.54
N GLU A 132 -30.88 -16.84 39.73
CA GLU A 132 -32.27 -16.59 40.14
C GLU A 132 -32.84 -15.24 39.66
N SER A 133 -32.07 -14.17 39.82
CA SER A 133 -32.49 -12.84 39.41
C SER A 133 -32.66 -12.71 37.91
N LEU A 134 -31.74 -13.28 37.12
CA LEU A 134 -32.02 -13.41 35.66
C LEU A 134 -33.23 -14.36 35.37
N LYS A 135 -34.40 -14.11 36.00
CA LYS A 135 -35.69 -14.72 35.64
C LYS A 135 -36.70 -13.63 35.18
N ALA A 136 -36.18 -12.68 34.39
CA ALA A 136 -36.97 -11.88 33.42
C ALA A 136 -37.04 -12.59 32.02
N LEU A 137 -37.34 -13.89 32.07
CA LEU A 137 -37.37 -14.74 30.86
C LEU A 137 -38.47 -14.34 29.84
N ALA A 141 -42.30 -18.99 34.54
CA ALA A 141 -42.74 -18.01 35.52
C ALA A 141 -44.20 -18.24 35.95
N GLY A 142 -45.07 -18.56 34.98
CA GLY A 142 -46.54 -18.46 35.17
C GLY A 142 -47.17 -17.08 34.94
N LEU A 143 -46.36 -16.08 34.57
CA LEU A 143 -46.85 -14.73 34.31
C LEU A 143 -47.08 -14.49 32.81
N THR A 144 -47.95 -13.53 32.48
CA THR A 144 -48.05 -13.03 31.10
C THR A 144 -46.69 -12.40 30.71
N PRO A 145 -46.37 -12.33 29.41
CA PRO A 145 -45.27 -11.47 28.97
C PRO A 145 -45.32 -10.01 29.47
N GLU A 146 -46.48 -9.36 29.40
CA GLU A 146 -46.66 -8.02 29.97
C GLU A 146 -46.30 -7.93 31.47
N GLU A 147 -46.76 -8.87 32.27
CA GLU A 147 -46.46 -8.82 33.70
C GLU A 147 -45.00 -9.21 34.01
N ALA A 148 -44.42 -10.06 33.17
CA ALA A 148 -42.97 -10.32 33.23
C ALA A 148 -42.13 -9.04 32.98
N ILE A 149 -42.56 -8.21 32.04
CA ILE A 149 -41.89 -6.93 31.78
C ILE A 149 -41.99 -6.00 33.00
N ARG A 150 -43.18 -5.87 33.58
CA ARG A 150 -43.39 -5.03 34.76
C ARG A 150 -42.59 -5.49 35.98
N GLU A 151 -42.50 -6.80 36.16
CA GLU A 151 -41.67 -7.39 37.21
C GLU A 151 -40.18 -7.18 36.93
N GLY A 152 -39.80 -7.31 35.66
CA GLY A 152 -38.45 -7.00 35.21
C GLY A 152 -37.97 -5.59 35.52
N TRP A 153 -38.89 -4.60 35.52
CA TRP A 153 -38.52 -3.23 35.87
C TRP A 153 -37.95 -3.08 37.26
N LYS A 154 -38.42 -3.90 38.21
CA LYS A 154 -37.91 -3.85 39.59
C LYS A 154 -36.42 -4.19 39.70
N LEU A 155 -35.93 -5.02 38.79
CA LEU A 155 -34.50 -5.30 38.68
C LEU A 155 -33.69 -4.21 38.03
N SER A 156 -34.32 -3.36 37.23
CA SER A 156 -33.58 -2.32 36.46
C SER A 156 -33.72 -0.90 36.98
N PHE A 157 -34.79 -0.63 37.73
CA PHE A 157 -35.17 0.72 38.15
C PHE A 157 -35.60 0.74 39.59
N SER A 158 -35.32 1.82 40.31
CA SER A 158 -35.85 2.04 41.66
C SER A 158 -37.38 2.13 41.67
N GLU A 159 -37.97 1.88 42.83
CA GLU A 159 -39.42 1.99 43.02
C GLU A 159 -39.92 3.42 42.70
N GLU A 160 -39.17 4.43 43.11
CA GLU A 160 -39.57 5.83 42.86
C GLU A 160 -39.51 6.17 41.38
N PHE A 161 -38.46 5.71 40.70
CA PHE A 161 -38.36 5.89 39.26
C PHE A 161 -39.54 5.23 38.52
N ILE A 162 -39.88 4.01 38.90
CA ILE A 162 -41.00 3.30 38.29
C ILE A 162 -42.31 4.06 38.49
N HIS A 163 -42.50 4.65 39.67
CA HIS A 163 -43.70 5.44 39.98
C HIS A 163 -43.76 6.72 39.15
N THR A 164 -42.68 7.49 39.16
CA THR A 164 -42.66 8.80 38.49
C THR A 164 -42.48 8.74 36.97
N HIS A 165 -42.11 7.59 36.40
CA HIS A 165 -41.94 7.41 34.95
C HIS A 165 -42.84 6.28 34.40
N LYS A 166 -43.98 6.05 35.06
CA LYS A 166 -44.90 4.97 34.69
C LYS A 166 -45.30 5.01 33.20
N ALA A 167 -45.78 6.17 32.75
CA ALA A 167 -46.28 6.27 31.39
C ALA A 167 -45.19 5.97 30.35
N GLU A 168 -43.98 6.48 30.60
CA GLU A 168 -42.82 6.24 29.73
C GLU A 168 -42.46 4.75 29.67
N LEU A 169 -42.42 4.09 30.81
CA LEU A 169 -42.11 2.67 30.84
C LEU A 169 -43.18 1.84 30.14
N GLU A 170 -44.44 2.14 30.41
CA GLU A 170 -45.57 1.40 29.82
C GLU A 170 -45.66 1.57 28.31
N ALA A 171 -45.27 2.73 27.80
CA ALA A 171 -45.27 2.96 26.34
C ALA A 171 -44.31 2.04 25.58
N HIS A 172 -43.31 1.50 26.25
CA HIS A 172 -42.33 0.56 25.68
C HIS A 172 -42.88 -0.87 25.60
N ILE A 173 -43.97 -1.20 26.31
CA ILE A 173 -44.47 -2.58 26.37
C ILE A 173 -44.86 -3.15 24.98
N PRO A 174 -45.70 -2.44 24.21
CA PRO A 174 -46.06 -2.92 22.89
C PRO A 174 -44.88 -3.25 21.95
N ARG A 175 -43.86 -2.42 21.93
CA ARG A 175 -42.68 -2.67 21.11
C ARG A 175 -41.94 -3.96 21.56
N LEU A 176 -41.92 -4.23 22.88
CA LEU A 176 -41.32 -5.46 23.39
C LEU A 176 -42.18 -6.70 23.10
N LEU A 177 -43.50 -6.54 23.18
CA LEU A 177 -44.41 -7.66 22.97
C LEU A 177 -44.60 -8.05 21.49
N ALA A 178 -44.18 -7.18 20.58
CA ALA A 178 -44.41 -7.38 19.14
C ALA A 178 -43.67 -8.59 18.58
N GLN A 179 -42.49 -8.88 19.13
CA GLN A 179 -41.73 -10.06 18.78
C GLN A 179 -41.09 -10.55 20.07
N LEU A 180 -41.76 -11.54 20.64
CA LEU A 180 -41.25 -12.24 21.82
C LEU A 180 -40.11 -13.19 21.45
N THR A 181 -39.10 -13.22 22.32
CA THR A 181 -38.04 -14.16 22.20
C THR A 181 -38.57 -15.49 22.71
N PRO A 182 -38.55 -16.54 21.85
CA PRO A 182 -39.10 -17.81 22.33
C PRO A 182 -38.22 -18.44 23.40
N ARG A 183 -38.85 -19.21 24.28
CA ARG A 183 -38.16 -19.79 25.43
C ARG A 183 -36.90 -20.56 25.06
N PHE A 184 -36.94 -21.34 24.00
CA PHE A 184 -35.75 -22.10 23.57
C PHE A 184 -34.58 -21.18 23.23
N ALA A 185 -34.88 -20.05 22.57
CA ALA A 185 -33.87 -19.08 22.16
C ALA A 185 -33.31 -18.35 23.36
N TYR A 186 -34.20 -17.94 24.25
CA TYR A 186 -33.79 -17.33 25.52
C TYR A 186 -32.80 -18.23 26.30
N GLU A 187 -33.07 -19.53 26.35
CA GLU A 187 -32.16 -20.49 26.98
C GLU A 187 -30.83 -20.57 26.25
N ARG A 188 -30.84 -20.53 24.92
CA ARG A 188 -29.58 -20.49 24.15
C ARG A 188 -28.74 -19.25 24.47
N HIS A 189 -29.42 -18.10 24.64
CA HIS A 189 -28.74 -16.85 25.05
C HIS A 189 -28.17 -16.97 26.47
N PHE A 190 -28.97 -17.47 27.39
CA PHE A 190 -28.52 -17.68 28.77
C PHE A 190 -27.27 -18.57 28.84
N GLN A 191 -27.28 -19.70 28.15
CA GLN A 191 -26.11 -20.58 28.09
C GLN A 191 -24.94 -19.91 27.41
N ALA A 192 -25.19 -19.07 26.40
CA ALA A 192 -24.13 -18.28 25.76
C ALA A 192 -23.34 -17.44 26.73
N THR A 193 -24.01 -16.91 27.75
CA THR A 193 -23.32 -16.07 28.76
C THR A 193 -22.25 -16.82 29.54
N MET A 194 -22.27 -18.14 29.55
CA MET A 194 -21.21 -18.95 30.21
C MET A 194 -20.09 -19.37 29.30
N THR A 195 -20.06 -18.90 28.05
CA THR A 195 -18.99 -19.23 27.11
C THR A 195 -17.97 -18.10 27.02
N LEU A 196 -18.10 -17.06 27.87
CA LEU A 196 -17.26 -15.89 27.81
C LEU A 196 -15.95 -16.18 28.53
N ARG A 197 -14.84 -16.06 27.80
CA ARG A 197 -13.51 -16.40 28.28
C ARG A 197 -12.61 -15.26 27.80
N VAL A 198 -12.69 -14.14 28.52
CA VAL A 198 -11.99 -12.93 28.12
C VAL A 198 -11.16 -12.28 29.19
N PHE A 199 -11.30 -12.63 30.46
CA PHE A 199 -10.60 -11.90 31.52
C PHE A 199 -9.10 -11.70 31.27
N LYS A 200 -8.38 -12.80 31.03
CA LYS A 200 -6.92 -12.71 30.84
C LYS A 200 -6.54 -11.89 29.61
N GLN A 201 -7.41 -11.83 28.61
CA GLN A 201 -7.13 -11.08 27.39
C GLN A 201 -7.59 -9.62 27.40
N LEU A 202 -8.27 -9.17 28.45
CA LEU A 202 -8.73 -7.77 28.53
C LEU A 202 -7.57 -6.78 28.40
N LYS A 203 -6.42 -7.13 28.98
CA LYS A 203 -5.23 -6.28 28.96
C LYS A 203 -4.65 -6.06 27.54
N GLU A 204 -5.02 -6.93 26.59
CA GLU A 204 -4.62 -6.83 25.19
C GLU A 204 -5.52 -5.92 24.33
N ILE A 205 -6.68 -5.48 24.85
CA ILE A 205 -7.59 -4.62 24.11
C ILE A 205 -6.92 -3.28 23.79
N GLN A 206 -6.85 -2.96 22.51
CA GLN A 206 -6.23 -1.74 21.99
C GLN A 206 -7.24 -0.58 21.79
N ALA A 207 -8.53 -0.90 21.72
CA ALA A 207 -9.54 0.14 21.48
C ALA A 207 -9.61 1.12 22.65
N PRO A 208 -9.65 2.43 22.37
CA PRO A 208 -10.06 3.36 23.43
C PRO A 208 -11.44 2.97 23.96
N THR A 209 -11.57 2.96 25.29
CA THR A 209 -12.68 2.32 25.93
C THR A 209 -13.33 3.23 26.96
N LEU A 210 -14.66 3.20 26.99
CA LEU A 210 -15.46 3.78 28.05
C LEU A 210 -16.27 2.64 28.66
N VAL A 211 -16.24 2.51 29.99
CA VAL A 211 -17.00 1.54 30.74
C VAL A 211 -18.00 2.31 31.58
N ALA A 212 -19.28 1.96 31.46
CA ALA A 212 -20.36 2.73 32.09
C ALA A 212 -21.39 1.81 32.72
N THR A 213 -21.89 2.18 33.90
CA THR A 213 -23.01 1.46 34.54
C THR A 213 -23.74 2.33 35.53
N GLY A 214 -24.86 1.83 36.06
CA GLY A 214 -25.53 2.46 37.21
C GLY A 214 -24.96 1.84 38.47
N ARG A 215 -24.66 2.66 39.49
CA ARG A 215 -24.07 2.21 40.75
C ARG A 215 -24.86 1.10 41.44
N ASP A 216 -26.19 1.18 41.38
CA ASP A 216 -27.09 0.30 42.09
C ASP A 216 -27.68 -0.80 41.21
N ASP A 217 -26.89 -1.29 40.27
CA ASP A 217 -27.32 -2.32 39.34
C ASP A 217 -27.49 -3.64 40.12
N MET A 218 -28.72 -4.14 40.15
CA MET A 218 -29.09 -5.37 40.87
C MET A 218 -28.98 -6.61 39.99
N LEU A 219 -28.82 -6.43 38.70
CA LEU A 219 -28.67 -7.56 37.78
C LEU A 219 -27.22 -7.87 37.48
N ILE A 220 -26.43 -6.87 37.14
CA ILE A 220 -24.96 -7.05 36.98
C ILE A 220 -24.27 -6.10 37.94
N PRO A 221 -23.75 -6.58 39.06
CA PRO A 221 -23.17 -5.67 40.05
C PRO A 221 -22.15 -4.72 39.44
N ALA A 222 -22.25 -3.46 39.82
CA ALA A 222 -21.42 -2.41 39.27
C ALA A 222 -19.91 -2.63 39.46
N VAL A 223 -19.52 -3.40 40.48
CA VAL A 223 -18.11 -3.70 40.68
C VAL A 223 -17.45 -4.36 39.43
N ASN A 224 -18.26 -5.06 38.61
CA ASN A 224 -17.74 -5.63 37.39
C ASN A 224 -17.18 -4.56 36.41
N SER A 225 -17.80 -3.38 36.40
CA SER A 225 -17.34 -2.27 35.60
C SER A 225 -15.99 -1.73 36.10
N GLU A 226 -15.82 -1.71 37.42
CA GLU A 226 -14.55 -1.32 38.02
CA GLU A 226 -14.55 -1.32 38.02
C GLU A 226 -13.46 -2.32 37.60
N ILE A 227 -13.81 -3.61 37.63
CA ILE A 227 -12.87 -4.65 37.20
C ILE A 227 -12.49 -4.46 35.71
N LEU A 228 -13.50 -4.27 34.86
CA LEU A 228 -13.24 -4.03 33.44
C LEU A 228 -12.34 -2.83 33.20
N ALA A 229 -12.67 -1.71 33.85
CA ALA A 229 -11.92 -0.47 33.66
C ALA A 229 -10.47 -0.59 34.13
N ARG A 230 -10.22 -1.39 35.17
CA ARG A 230 -8.87 -1.60 35.68
C ARG A 230 -8.01 -2.41 34.68
N GLU A 231 -8.60 -3.46 34.13
CA GLU A 231 -7.90 -4.41 33.27
C GLU A 231 -7.59 -3.87 31.85
N ILE A 232 -8.50 -3.07 31.30
CA ILE A 232 -8.34 -2.54 29.95
C ILE A 232 -7.45 -1.28 29.95
N PRO A 233 -6.29 -1.31 29.26
CA PRO A 233 -5.42 -0.13 29.23
C PRO A 233 -6.12 1.13 28.76
N GLY A 234 -5.97 2.21 29.53
CA GLY A 234 -6.54 3.49 29.14
C GLY A 234 -8.04 3.64 29.27
N ALA A 235 -8.73 2.64 29.82
CA ALA A 235 -10.19 2.66 29.87
C ALA A 235 -10.70 3.72 30.83
N GLU A 236 -11.76 4.42 30.43
CA GLU A 236 -12.42 5.41 31.27
C GLU A 236 -13.62 4.78 31.93
N LEU A 237 -13.97 5.24 33.12
CA LEU A 237 -15.07 4.66 33.92
C LEU A 237 -16.09 5.74 34.27
N ALA A 238 -17.36 5.46 34.04
CA ALA A 238 -18.45 6.38 34.40
C ALA A 238 -19.50 5.58 35.14
N ILE A 239 -19.64 5.87 36.43
CA ILE A 239 -20.65 5.21 37.26
C ILE A 239 -21.70 6.26 37.62
N PHE A 240 -22.95 5.98 37.28
CA PHE A 240 -24.07 6.92 37.52
C PHE A 240 -24.79 6.62 38.82
N GLU A 241 -24.91 7.64 39.65
CA GLU A 241 -25.21 7.43 41.06
C GLU A 241 -26.61 6.90 41.39
N SER A 242 -27.67 7.50 40.89
CA SER A 242 -29.01 7.04 41.32
C SER A 242 -29.65 6.14 40.29
N ALA A 243 -28.93 5.11 39.88
CA ALA A 243 -29.30 4.37 38.67
C ALA A 243 -28.80 2.94 38.77
N GLY A 244 -29.48 2.05 38.07
CA GLY A 244 -29.19 0.64 38.11
C GLY A 244 -28.99 0.08 36.74
N HIS A 245 -29.50 -1.14 36.51
CA HIS A 245 -29.33 -1.77 35.24
C HIS A 245 -29.88 -0.96 34.09
N GLY A 246 -31.00 -0.28 34.36
CA GLY A 246 -31.62 0.54 33.35
C GLY A 246 -31.06 1.95 33.19
N PHE A 247 -29.76 2.16 33.47
CA PHE A 247 -29.12 3.49 33.43
C PHE A 247 -29.22 4.19 32.08
N VAL A 248 -29.25 3.44 30.98
CA VAL A 248 -29.42 4.06 29.67
C VAL A 248 -30.73 4.87 29.62
N THR A 249 -31.76 4.41 30.33
CA THR A 249 -33.04 5.16 30.48
C THR A 249 -33.04 6.10 31.70
N SER A 250 -32.70 5.59 32.88
CA SER A 250 -32.84 6.39 34.11
C SER A 250 -31.72 7.43 34.29
N ALA A 251 -30.60 7.27 33.59
CA ALA A 251 -29.53 8.26 33.57
C ALA A 251 -29.25 8.68 32.14
N ARG A 252 -30.31 8.80 31.34
CA ARG A 252 -30.17 9.00 29.89
C ARG A 252 -29.40 10.27 29.53
N GLU A 253 -29.79 11.40 30.11
CA GLU A 253 -29.10 12.67 29.79
C GLU A 253 -27.66 12.74 30.30
N PRO A 254 -27.41 12.33 31.55
CA PRO A 254 -26.00 12.33 31.99
C PRO A 254 -25.14 11.34 31.20
N PHE A 255 -25.70 10.19 30.84
CA PHE A 255 -24.96 9.22 30.04
C PHE A 255 -24.75 9.70 28.63
N LEU A 256 -25.79 10.28 28.02
CA LEU A 256 -25.61 10.87 26.68
C LEU A 256 -24.47 11.89 26.67
N LYS A 257 -24.43 12.73 27.68
CA LYS A 257 -23.39 13.73 27.79
C LYS A 257 -22.00 13.08 27.85
N VAL A 258 -21.85 12.06 28.68
CA VAL A 258 -20.57 11.36 28.80
C VAL A 258 -20.21 10.61 27.51
N LEU A 259 -21.20 9.91 26.94
CA LEU A 259 -20.99 9.15 25.73
C LEU A 259 -20.61 10.04 24.54
N LYS A 260 -21.29 11.15 24.36
CA LYS A 260 -21.01 12.05 23.24
C LYS A 260 -19.65 12.70 23.35
N GLU A 261 -19.24 13.04 24.58
CA GLU A 261 -17.94 13.63 24.84
C GLU A 261 -16.83 12.60 24.55
N PHE A 262 -17.06 11.35 24.93
CA PHE A 262 -16.13 10.28 24.64
C PHE A 262 -16.00 10.04 23.12
N LEU A 263 -17.13 9.95 22.44
CA LEU A 263 -17.16 9.72 20.99
C LEU A 263 -16.60 10.88 20.16
N ALA A 264 -16.73 12.12 20.64
CA ALA A 264 -16.18 13.30 19.93
C ALA A 264 -14.64 13.25 19.83
N ARG A 265 -14.00 12.54 20.75
CA ARG A 265 -12.56 12.34 20.73
C ARG A 265 -12.14 11.08 19.96
N GLN A 266 -13.07 10.39 19.30
CA GLN A 266 -12.75 9.16 18.57
C GLN A 266 -12.98 9.32 17.08
N SER A 267 -12.45 8.38 16.30
CA SER A 267 -12.66 8.35 14.85
C SER A 267 -12.58 6.94 14.32
N VAL A 268 -13.13 6.74 13.12
CA VAL A 268 -13.01 5.47 12.39
C VAL A 268 -11.89 5.64 11.33
N MET B 1 10.56 17.97 -51.22
N MET B 1 11.15 17.92 -49.98
CA MET B 1 10.81 19.19 -50.46
CA MET B 1 10.83 19.27 -50.54
C MET B 1 9.42 19.80 -50.29
C MET B 1 9.42 19.81 -50.30
N LEU B 2 8.68 19.27 -49.33
CA LEU B 2 7.31 19.78 -48.97
C LEU B 2 7.30 20.60 -47.70
N TYR B 3 6.53 21.69 -47.66
CA TYR B 3 6.47 22.52 -46.45
CA TYR B 3 6.48 22.57 -46.49
C TYR B 3 5.05 22.93 -46.12
N ALA B 4 4.78 23.10 -44.84
CA ALA B 4 3.51 23.62 -44.38
C ALA B 4 3.80 24.90 -43.62
N GLN B 5 3.02 25.96 -43.86
CA GLN B 5 3.16 27.18 -43.09
C GLN B 5 2.31 27.06 -41.83
N VAL B 6 2.99 27.13 -40.69
CA VAL B 6 2.41 26.85 -39.40
C VAL B 6 2.91 27.93 -38.43
N ASN B 7 2.01 28.62 -37.74
CA ASN B 7 2.39 29.65 -36.76
C ASN B 7 3.40 30.67 -37.34
N GLY B 8 3.15 31.09 -38.56
CA GLY B 8 4.02 32.05 -39.23
C GLY B 8 5.41 31.54 -39.64
N ILE B 9 5.62 30.23 -39.64
CA ILE B 9 6.88 29.68 -40.09
C ILE B 9 6.66 28.48 -40.99
N ASN B 10 7.72 28.10 -41.69
CA ASN B 10 7.70 26.94 -42.57
C ASN B 10 8.27 25.72 -41.87
N LEU B 11 7.46 24.66 -41.86
CA LEU B 11 7.86 23.36 -41.36
C LEU B 11 7.98 22.37 -42.51
N HIS B 12 9.16 21.80 -42.70
CA HIS B 12 9.37 20.69 -43.61
C HIS B 12 8.76 19.39 -43.04
N TYR B 13 7.98 18.68 -43.85
CA TYR B 13 7.42 17.38 -43.49
C TYR B 13 7.55 16.41 -44.67
N GLU B 14 7.42 15.13 -44.36
CA GLU B 14 7.26 14.10 -45.37
C GLU B 14 6.11 13.23 -44.93
N ILE B 15 5.38 12.71 -45.91
CA ILE B 15 4.23 11.86 -45.65
C ILE B 15 4.31 10.69 -46.62
N GLU B 16 4.10 9.48 -46.10
CA GLU B 16 4.24 8.25 -46.86
C GLU B 16 3.28 7.20 -46.35
N GLY B 17 2.73 6.43 -47.28
CA GLY B 17 1.85 5.33 -46.98
C GLY B 17 0.41 5.71 -47.06
N GLN B 18 -0.44 4.70 -46.95
CA GLN B 18 -1.88 4.93 -46.85
C GLN B 18 -2.36 4.17 -45.64
N GLY B 19 -3.50 4.62 -45.15
CA GLY B 19 -4.08 4.11 -43.93
C GLY B 19 -4.35 5.27 -43.01
N GLN B 20 -4.59 4.92 -41.76
CA GLN B 20 -4.87 5.94 -40.74
C GLN B 20 -3.62 6.76 -40.47
N PRO B 21 -3.79 8.06 -40.19
CA PRO B 21 -2.63 8.90 -39.98
C PRO B 21 -1.89 8.62 -38.67
N LEU B 22 -0.57 8.55 -38.77
CA LEU B 22 0.33 8.29 -37.64
C LEU B 22 1.40 9.38 -37.67
N LEU B 23 1.34 10.28 -36.69
CA LEU B 23 2.28 11.39 -36.58
C LEU B 23 3.42 10.97 -35.65
N LEU B 24 4.64 11.09 -36.15
CA LEU B 24 5.85 10.75 -35.44
C LEU B 24 6.55 12.04 -35.04
N ILE B 25 6.89 12.16 -33.76
CA ILE B 25 7.48 13.39 -33.24
C ILE B 25 8.83 13.06 -32.66
N MET B 26 9.85 13.73 -33.17
CA MET B 26 11.25 13.39 -32.91
C MET B 26 11.70 14.22 -31.70
N GLY B 27 12.80 13.79 -31.09
CA GLY B 27 13.34 14.43 -29.90
C GLY B 27 14.31 15.59 -30.13
N LEU B 28 15.13 15.82 -29.12
CA LEU B 28 15.84 17.10 -28.92
C LEU B 28 16.80 17.36 -30.05
N GLY B 29 16.51 18.43 -30.78
CA GLY B 29 17.37 18.95 -31.83
C GLY B 29 17.48 18.07 -33.05
N ALA B 30 16.57 17.11 -33.19
CA ALA B 30 16.69 16.09 -34.22
C ALA B 30 15.64 16.29 -35.33
N PRO B 31 16.07 16.22 -36.60
CA PRO B 31 15.15 16.39 -37.70
C PRO B 31 14.44 15.08 -38.02
N ALA B 32 13.49 15.12 -38.95
CA ALA B 32 12.83 13.92 -39.47
C ALA B 32 13.82 12.87 -40.00
N ALA B 33 14.91 13.34 -40.61
CA ALA B 33 15.97 12.43 -41.09
C ALA B 33 16.59 11.57 -40.00
N ALA B 34 16.48 11.95 -38.74
CA ALA B 34 16.99 11.10 -37.66
C ALA B 34 16.16 9.84 -37.39
N TRP B 35 14.92 9.74 -37.91
CA TRP B 35 14.14 8.52 -37.75
C TRP B 35 14.85 7.32 -38.39
N ASP B 36 14.87 6.22 -37.65
CA ASP B 36 15.32 4.94 -38.14
C ASP B 36 14.52 4.59 -39.41
N PRO B 37 15.20 4.49 -40.58
CA PRO B 37 14.43 4.32 -41.84
C PRO B 37 13.64 3.03 -41.96
N ILE B 38 14.16 1.93 -41.44
CA ILE B 38 13.47 0.65 -41.53
C ILE B 38 12.21 0.70 -40.68
N PHE B 39 12.33 1.29 -39.51
CA PHE B 39 11.17 1.53 -38.63
C PHE B 39 10.05 2.28 -39.38
N VAL B 40 10.40 3.42 -39.97
CA VAL B 40 9.43 4.26 -40.68
C VAL B 40 8.86 3.56 -41.90
N GLN B 41 9.72 2.97 -42.72
CA GLN B 41 9.27 2.28 -43.93
C GLN B 41 8.30 1.14 -43.58
N THR B 42 8.60 0.38 -42.53
CA THR B 42 7.72 -0.69 -42.08
C THR B 42 6.32 -0.17 -41.69
N LEU B 43 6.27 0.96 -40.98
CA LEU B 43 4.99 1.55 -40.59
C LEU B 43 4.13 2.04 -41.77
N THR B 44 4.78 2.47 -42.85
CA THR B 44 4.06 2.93 -44.08
C THR B 44 3.22 1.82 -44.73
N LYS B 45 3.55 0.56 -44.47
CA LYS B 45 2.76 -0.55 -44.98
C LYS B 45 1.35 -0.59 -44.42
N THR B 46 1.13 -0.09 -43.21
CA THR B 46 -0.21 -0.09 -42.58
C THR B 46 -0.81 1.28 -42.31
N HIS B 47 0.03 2.31 -42.23
CA HIS B 47 -0.42 3.63 -41.81
C HIS B 47 0.13 4.68 -42.76
N GLN B 48 -0.55 5.82 -42.77
CA GLN B 48 -0.03 7.01 -43.42
C GLN B 48 0.87 7.73 -42.38
N VAL B 49 2.18 7.62 -42.57
CA VAL B 49 3.16 8.07 -41.59
C VAL B 49 3.58 9.47 -41.93
N ILE B 50 3.53 10.34 -40.93
CA ILE B 50 3.93 11.74 -41.08
C ILE B 50 5.12 11.98 -40.17
N ILE B 51 6.23 12.43 -40.78
CA ILE B 51 7.41 12.81 -40.07
C ILE B 51 7.71 14.24 -40.45
N TYR B 52 8.43 14.93 -39.57
CA TYR B 52 8.71 16.34 -39.80
C TYR B 52 9.88 16.87 -39.00
N ASP B 53 10.36 18.03 -39.46
CA ASP B 53 11.41 18.74 -38.82
C ASP B 53 10.77 19.78 -37.90
N ASN B 54 10.97 19.61 -36.60
CA ASN B 54 10.62 20.65 -35.65
C ASN B 54 11.39 21.92 -36.00
N ARG B 55 10.80 23.07 -35.69
CA ARG B 55 11.52 24.31 -35.87
C ARG B 55 12.87 24.25 -35.19
N GLY B 56 13.87 24.79 -35.86
CA GLY B 56 15.23 24.71 -35.42
C GLY B 56 16.01 23.57 -36.05
N THR B 57 15.32 22.64 -36.72
CA THR B 57 15.97 21.44 -37.23
C THR B 57 15.72 21.25 -38.74
N GLY B 58 16.55 20.41 -39.32
CA GLY B 58 16.46 20.00 -40.69
C GLY B 58 16.29 21.14 -41.68
N LEU B 59 15.21 21.09 -42.44
CA LEU B 59 14.90 22.09 -43.43
C LEU B 59 13.82 23.03 -42.97
N SER B 60 13.35 22.94 -41.73
CA SER B 60 12.34 23.89 -41.25
C SER B 60 12.97 25.24 -40.94
N ASP B 61 12.15 26.27 -40.76
CA ASP B 61 12.64 27.54 -40.27
C ASP B 61 13.22 27.37 -38.87
N LYS B 62 14.16 28.25 -38.54
CA LYS B 62 14.94 28.15 -37.30
C LYS B 62 14.98 29.52 -36.61
N PRO B 63 13.79 30.05 -36.23
CA PRO B 63 13.76 31.33 -35.54
C PRO B 63 14.53 31.28 -34.21
N ASP B 64 15.28 32.34 -33.92
CA ASP B 64 16.02 32.44 -32.68
C ASP B 64 15.14 33.14 -31.63
N MET B 65 14.35 32.33 -30.95
CA MET B 65 13.38 32.78 -29.96
C MET B 65 13.23 31.67 -28.91
N PRO B 66 12.70 32.00 -27.72
CA PRO B 66 12.43 30.94 -26.77
C PRO B 66 11.54 29.87 -27.36
N TYR B 67 11.96 28.60 -27.25
CA TYR B 67 11.10 27.50 -27.63
C TYR B 67 10.53 26.92 -26.35
N SER B 68 9.36 26.30 -26.45
CA SER B 68 8.75 25.56 -25.32
C SER B 68 8.04 24.31 -25.85
N ILE B 69 7.69 23.41 -24.95
CA ILE B 69 6.89 22.25 -25.29
C ILE B 69 5.50 22.65 -25.83
N ALA B 70 4.87 23.65 -25.23
CA ALA B 70 3.58 24.18 -25.70
C ALA B 70 3.68 24.68 -27.14
N MET B 71 4.75 25.39 -27.45
CA MET B 71 5.01 25.88 -28.81
C MET B 71 5.18 24.71 -29.79
N PHE B 72 5.99 23.72 -29.41
CA PHE B 72 6.16 22.54 -30.25
C PHE B 72 4.83 21.82 -30.48
N ALA B 73 4.00 21.77 -29.45
CA ALA B 73 2.71 21.09 -29.57
C ALA B 73 1.80 21.85 -30.52
N SER B 74 1.80 23.17 -30.39
CA SER B 74 1.06 24.06 -31.28
C SER B 74 1.52 23.90 -32.75
N ASP B 75 2.83 23.77 -32.98
CA ASP B 75 3.38 23.47 -34.30
C ASP B 75 2.86 22.14 -34.86
N ALA B 76 2.82 21.11 -34.01
CA ALA B 76 2.33 19.80 -34.43
C ALA B 76 0.86 19.85 -34.83
N VAL B 77 0.04 20.54 -34.04
CA VAL B 77 -1.38 20.69 -34.34
C VAL B 77 -1.58 21.50 -35.63
N GLY B 78 -0.76 22.52 -35.83
CA GLY B 78 -0.81 23.32 -37.04
C GLY B 78 -0.43 22.53 -38.27
N LEU B 79 0.49 21.57 -38.11
CA LEU B 79 0.87 20.70 -39.23
C LEU B 79 -0.32 19.86 -39.61
N LEU B 80 -0.97 19.27 -38.62
CA LEU B 80 -2.17 18.48 -38.85
C LEU B 80 -3.27 19.33 -39.50
N ASP B 81 -3.43 20.60 -39.09
CA ASP B 81 -4.41 21.50 -39.71
C ASP B 81 -4.09 21.74 -41.17
N ALA B 82 -2.84 22.07 -41.45
CA ALA B 82 -2.41 22.29 -42.84
C ALA B 82 -2.62 21.05 -43.73
N LEU B 83 -2.42 19.87 -43.18
CA LEU B 83 -2.66 18.59 -43.88
C LEU B 83 -4.11 18.16 -43.84
N ASN B 84 -4.97 18.95 -43.19
CA ASN B 84 -6.37 18.64 -43.07
C ASN B 84 -6.57 17.23 -42.46
N ILE B 85 -5.85 16.94 -41.38
CA ILE B 85 -6.02 15.69 -40.62
C ILE B 85 -6.68 16.05 -39.28
N PRO B 86 -7.96 15.67 -39.11
CA PRO B 86 -8.60 16.03 -37.83
C PRO B 86 -8.05 15.26 -36.62
N ARG B 87 -7.68 13.99 -36.83
CA ARG B 87 -7.32 13.11 -35.73
C ARG B 87 -6.16 12.21 -36.17
N ALA B 88 -5.13 12.07 -35.33
CA ALA B 88 -4.00 11.22 -35.69
C ALA B 88 -3.57 10.35 -34.53
N HIS B 89 -3.00 9.19 -34.82
CA HIS B 89 -2.20 8.47 -33.84
C HIS B 89 -0.90 9.20 -33.68
N VAL B 90 -0.43 9.40 -32.45
CA VAL B 90 0.78 10.17 -32.17
C VAL B 90 1.80 9.31 -31.46
N PHE B 91 3.00 9.20 -32.04
CA PHE B 91 4.13 8.56 -31.39
C PHE B 91 5.26 9.58 -31.24
N GLY B 92 5.68 9.83 -30.00
CA GLY B 92 6.75 10.77 -29.70
C GLY B 92 7.84 10.11 -28.88
N VAL B 93 9.10 10.34 -29.25
CA VAL B 93 10.28 9.81 -28.56
C VAL B 93 10.98 10.91 -27.84
N SER B 94 11.32 10.67 -26.59
CA SER B 94 12.11 11.60 -25.77
C SER B 94 11.41 12.95 -25.64
N MET B 95 12.06 14.07 -26.00
CA MET B 95 11.37 15.35 -26.07
C MET B 95 10.12 15.28 -26.93
N GLY B 96 10.13 14.45 -27.99
CA GLY B 96 8.92 14.24 -28.79
C GLY B 96 7.80 13.61 -27.99
N GLY B 97 8.15 12.75 -27.04
CA GLY B 97 7.24 12.19 -26.08
C GLY B 97 6.66 13.24 -25.13
N MET B 98 7.44 14.26 -24.82
CA MET B 98 6.92 15.35 -24.00
C MET B 98 5.92 16.16 -24.77
N ILE B 99 6.21 16.38 -26.05
CA ILE B 99 5.32 17.10 -26.93
C ILE B 99 4.01 16.30 -27.07
N ALA B 100 4.12 14.99 -27.23
CA ALA B 100 2.96 14.12 -27.30
C ALA B 100 2.07 14.16 -26.07
N GLN B 101 2.67 14.21 -24.88
CA GLN B 101 1.90 14.33 -23.64
C GLN B 101 1.11 15.63 -23.64
N GLU B 102 1.79 16.72 -23.97
CA GLU B 102 1.16 18.04 -24.10
C GLU B 102 -0.02 18.03 -25.11
N LEU B 103 0.16 17.35 -26.23
CA LEU B 103 -0.91 17.18 -27.21
C LEU B 103 -2.10 16.42 -26.65
N ALA B 104 -1.85 15.32 -25.94
CA ALA B 104 -2.93 14.51 -25.39
C ALA B 104 -3.71 15.24 -24.30
N ILE B 105 -3.05 16.14 -23.58
CA ILE B 105 -3.68 16.90 -22.50
C ILE B 105 -4.45 18.11 -23.03
N HIS B 106 -3.78 18.92 -23.86
CA HIS B 106 -4.32 20.21 -24.31
C HIS B 106 -5.05 20.17 -25.65
N TYR B 107 -4.88 19.10 -26.45
CA TYR B 107 -5.59 18.97 -27.72
C TYR B 107 -6.10 17.53 -27.91
N PRO B 108 -6.87 17.01 -26.93
CA PRO B 108 -7.28 15.60 -26.93
C PRO B 108 -8.07 15.19 -28.16
N GLN B 109 -8.88 16.11 -28.66
CA GLN B 109 -9.65 15.92 -29.91
C GLN B 109 -8.79 15.61 -31.15
N ARG B 110 -7.52 16.01 -31.15
CA ARG B 110 -6.62 15.76 -32.27
C ARG B 110 -5.86 14.42 -32.19
N VAL B 111 -5.95 13.75 -31.05
CA VAL B 111 -5.14 12.56 -30.76
C VAL B 111 -6.03 11.33 -30.68
N ALA B 112 -5.81 10.39 -31.59
CA ALA B 112 -6.59 9.16 -31.64
C ALA B 112 -6.04 8.11 -30.68
N SER B 113 -4.73 7.90 -30.73
CA SER B 113 -4.03 7.09 -29.76
C SER B 113 -2.63 7.68 -29.55
N LEU B 114 -2.01 7.29 -28.44
CA LEU B 114 -0.83 7.97 -27.92
C LEU B 114 0.22 6.92 -27.65
N ILE B 115 1.41 7.08 -28.22
CA ILE B 115 2.55 6.23 -27.91
C ILE B 115 3.69 7.11 -27.43
N LEU B 116 4.18 6.81 -26.23
CA LEU B 116 5.17 7.61 -25.53
C LEU B 116 6.43 6.79 -25.40
N GLY B 117 7.45 7.17 -26.17
CA GLY B 117 8.71 6.44 -26.25
C GLY B 117 9.81 7.11 -25.44
N CYS B 118 10.51 6.33 -24.63
CA CYS B 118 11.63 6.81 -23.79
C CYS B 118 11.49 8.27 -23.35
N THR B 119 10.38 8.57 -22.68
CA THR B 119 10.09 9.93 -22.30
C THR B 119 9.79 10.03 -20.80
N THR B 120 9.41 11.22 -20.38
CA THR B 120 9.23 11.53 -18.97
C THR B 120 8.17 12.58 -18.78
N PRO B 121 7.47 12.55 -17.66
CA PRO B 121 6.56 13.66 -17.39
C PRO B 121 7.21 14.89 -16.80
N GLY B 122 8.51 14.82 -16.51
CA GLY B 122 9.24 15.94 -15.96
C GLY B 122 8.78 16.36 -14.57
N GLY B 123 9.46 17.38 -14.06
CA GLY B 123 9.17 17.98 -12.76
C GLY B 123 9.70 17.16 -11.61
N LYS B 124 9.37 17.64 -10.41
CA LYS B 124 9.79 17.03 -9.15
C LYS B 124 9.29 15.62 -8.89
N HIS B 125 8.21 15.18 -9.53
CA HIS B 125 7.73 13.80 -9.35
CA HIS B 125 7.73 13.80 -9.34
C HIS B 125 8.42 12.82 -10.30
N ALA B 126 9.12 13.33 -11.31
CA ALA B 126 9.83 12.47 -12.26
C ALA B 126 11.16 12.09 -11.68
N VAL B 127 11.83 11.13 -12.33
CA VAL B 127 13.17 10.73 -11.96
C VAL B 127 14.14 11.24 -13.03
N PRO B 128 14.98 12.21 -12.63
CA PRO B 128 15.78 12.97 -13.56
C PRO B 128 16.91 12.15 -14.17
N ALA B 129 17.39 12.66 -15.30
CA ALA B 129 18.51 12.05 -15.97
C ALA B 129 19.72 12.08 -15.06
N PRO B 130 20.57 11.04 -15.10
CA PRO B 130 21.84 11.16 -14.38
C PRO B 130 22.61 12.40 -14.88
N PRO B 131 23.14 13.26 -13.97
CA PRO B 131 23.79 14.51 -14.40
C PRO B 131 24.87 14.38 -15.48
N GLU B 132 25.66 13.29 -15.45
CA GLU B 132 26.65 13.02 -16.51
C GLU B 132 26.03 12.82 -17.90
N SER B 133 24.88 12.14 -17.96
CA SER B 133 24.18 11.94 -19.23
C SER B 133 23.59 13.26 -19.76
N LEU B 134 23.01 14.05 -18.85
CA LEU B 134 22.41 15.32 -19.21
C LEU B 134 23.45 16.33 -19.70
N LYS B 135 24.59 16.41 -18.99
CA LYS B 135 25.72 17.24 -19.41
C LYS B 135 26.21 16.84 -20.81
N ALA B 136 26.40 15.56 -21.04
CA ALA B 136 26.80 15.06 -22.35
C ALA B 136 25.77 15.41 -23.45
N LEU B 137 24.48 15.35 -23.12
CA LEU B 137 23.39 15.74 -24.03
C LEU B 137 23.42 17.24 -24.36
N GLU B 138 23.49 18.08 -23.33
CA GLU B 138 23.60 19.52 -23.50
C GLU B 138 24.86 19.91 -24.31
N GLY B 139 25.97 19.24 -23.97
CA GLY B 139 27.27 19.44 -24.59
C GLY B 139 27.37 19.22 -26.10
N ARG B 140 26.42 18.52 -26.71
CA ARG B 140 26.43 18.26 -28.15
C ARG B 140 26.27 19.49 -29.01
N ALA B 141 25.70 20.55 -28.45
CA ALA B 141 25.67 21.87 -29.07
C ALA B 141 27.07 22.38 -29.42
N GLY B 142 28.04 22.14 -28.55
CA GLY B 142 29.40 22.62 -28.71
C GLY B 142 30.36 21.71 -29.46
N LEU B 143 29.90 20.56 -29.95
CA LEU B 143 30.71 19.63 -30.73
C LEU B 143 30.51 19.82 -32.24
N THR B 144 31.45 19.30 -33.03
CA THR B 144 31.26 19.17 -34.49
C THR B 144 30.07 18.20 -34.75
N PRO B 145 29.36 18.39 -35.88
CA PRO B 145 28.18 17.55 -36.13
C PRO B 145 28.44 16.05 -36.11
N GLU B 146 29.51 15.61 -36.78
CA GLU B 146 29.88 14.18 -36.78
C GLU B 146 30.14 13.64 -35.38
N GLU B 147 30.87 14.40 -34.56
CA GLU B 147 31.18 13.90 -33.20
C GLU B 147 29.94 14.00 -32.29
N ALA B 148 29.05 14.95 -32.54
CA ALA B 148 27.75 14.99 -31.86
C ALA B 148 26.90 13.74 -32.14
N ILE B 149 26.93 13.25 -33.37
CA ILE B 149 26.23 12.02 -33.71
C ILE B 149 26.82 10.81 -32.95
N ARG B 150 28.14 10.69 -32.97
CA ARG B 150 28.82 9.57 -32.27
C ARG B 150 28.64 9.61 -30.77
N GLU B 151 28.63 10.81 -30.19
CA GLU B 151 28.34 11.01 -28.76
C GLU B 151 26.88 10.74 -28.46
N GLY B 152 25.97 11.09 -29.37
CA GLY B 152 24.56 10.66 -29.28
C GLY B 152 24.37 9.15 -29.15
N TRP B 153 25.17 8.38 -29.87
CA TRP B 153 25.09 6.90 -29.82
C TRP B 153 25.45 6.35 -28.43
N LYS B 154 26.44 6.97 -27.78
CA LYS B 154 26.90 6.51 -26.46
C LYS B 154 25.82 6.66 -25.39
N LEU B 155 24.95 7.67 -25.57
CA LEU B 155 23.81 7.85 -24.68
C LEU B 155 22.68 6.87 -24.93
N SER B 156 22.60 6.37 -26.18
CA SER B 156 21.45 5.63 -26.68
C SER B 156 21.62 4.14 -26.81
N PHE B 157 22.87 3.69 -26.92
CA PHE B 157 23.20 2.31 -27.21
C PHE B 157 24.33 1.88 -26.29
N SER B 158 24.27 0.62 -25.86
CA SER B 158 25.37 -0.03 -25.14
C SER B 158 26.63 -0.08 -26.01
N GLU B 159 27.77 -0.24 -25.34
CA GLU B 159 29.07 -0.38 -26.01
C GLU B 159 29.10 -1.59 -26.97
N GLU B 160 28.50 -2.71 -26.54
CA GLU B 160 28.44 -3.92 -27.36
C GLU B 160 27.57 -3.71 -28.61
N PHE B 161 26.42 -3.05 -28.44
CA PHE B 161 25.57 -2.74 -29.57
C PHE B 161 26.29 -1.86 -30.59
N ILE B 162 26.98 -0.83 -30.10
CA ILE B 162 27.75 0.06 -30.98
C ILE B 162 28.82 -0.70 -31.76
N HIS B 163 29.47 -1.66 -31.09
CA HIS B 163 30.51 -2.49 -31.73
C HIS B 163 29.92 -3.41 -32.80
N THR B 164 28.88 -4.16 -32.44
CA THR B 164 28.28 -5.15 -33.34
C THR B 164 27.38 -4.58 -34.44
N HIS B 165 26.98 -3.30 -34.34
CA HIS B 165 26.14 -2.63 -35.35
C HIS B 165 26.82 -1.37 -35.93
N LYS B 166 28.15 -1.37 -35.93
CA LYS B 166 28.96 -0.22 -36.36
C LYS B 166 28.60 0.27 -37.74
N ALA B 167 28.64 -0.66 -38.69
CA ALA B 167 28.43 -0.34 -40.10
C ALA B 167 27.05 0.28 -40.32
N GLU B 168 26.02 -0.28 -39.67
CA GLU B 168 24.64 0.23 -39.77
C GLU B 168 24.54 1.65 -39.23
N LEU B 169 25.13 1.91 -38.06
CA LEU B 169 25.09 3.25 -37.50
C LEU B 169 25.83 4.27 -38.36
N GLU B 170 27.02 3.89 -38.82
CA GLU B 170 27.86 4.78 -39.62
C GLU B 170 27.26 5.11 -40.99
N ALA B 171 26.51 4.17 -41.57
CA ALA B 171 25.87 4.41 -42.86
C ALA B 171 24.84 5.56 -42.82
N HIS B 172 24.30 5.83 -41.63
CA HIS B 172 23.34 6.91 -41.43
C HIS B 172 23.96 8.30 -41.37
N ILE B 173 25.29 8.39 -41.15
CA ILE B 173 25.94 9.68 -40.89
C ILE B 173 25.77 10.72 -41.99
N PRO B 174 26.07 10.37 -43.27
CA PRO B 174 25.92 11.38 -44.34
C PRO B 174 24.51 11.99 -44.44
N ARG B 175 23.47 11.18 -44.30
CA ARG B 175 22.10 11.70 -44.34
CA ARG B 175 22.12 11.73 -44.37
C ARG B 175 21.81 12.65 -43.16
N LEU B 176 22.38 12.36 -41.99
CA LEU B 176 22.26 13.27 -40.82
C LEU B 176 23.07 14.55 -40.98
N LEU B 177 24.24 14.48 -41.60
CA LEU B 177 25.11 15.65 -41.80
C LEU B 177 24.62 16.61 -42.88
N ALA B 178 23.72 16.13 -43.73
CA ALA B 178 23.13 16.94 -44.78
C ALA B 178 22.27 18.10 -44.24
N GLN B 179 21.70 17.95 -43.07
CA GLN B 179 20.78 18.92 -42.49
C GLN B 179 21.11 19.15 -41.01
N LEU B 180 22.03 20.05 -40.73
CA LEU B 180 22.56 20.19 -39.38
C LEU B 180 21.61 21.02 -38.52
N THR B 181 21.43 20.64 -37.26
CA THR B 181 20.81 21.54 -36.30
C THR B 181 21.90 22.50 -35.87
N PRO B 182 21.72 23.82 -36.08
CA PRO B 182 22.73 24.74 -35.58
C PRO B 182 22.75 24.78 -34.04
N ARG B 183 23.93 25.08 -33.50
CA ARG B 183 24.17 25.18 -32.07
C ARG B 183 23.09 26.00 -31.34
N PHE B 184 22.76 27.18 -31.88
CA PHE B 184 21.80 28.05 -31.22
C PHE B 184 20.43 27.39 -31.09
N ALA B 185 20.02 26.64 -32.15
CA ALA B 185 18.75 25.96 -32.18
C ALA B 185 18.72 24.79 -31.22
N TYR B 186 19.80 24.02 -31.22
CA TYR B 186 19.97 22.94 -30.26
C TYR B 186 19.81 23.41 -28.79
N GLU B 187 20.38 24.56 -28.48
CA GLU B 187 20.24 25.17 -27.15
C GLU B 187 18.78 25.59 -26.87
N ARG B 188 18.09 26.13 -27.87
CA ARG B 188 16.66 26.46 -27.72
C ARG B 188 15.83 25.18 -27.41
N HIS B 189 16.17 24.08 -28.07
CA HIS B 189 15.51 22.78 -27.80
C HIS B 189 15.81 22.28 -26.39
N PHE B 190 17.07 22.32 -26.00
CA PHE B 190 17.47 21.92 -24.65
C PHE B 190 16.70 22.70 -23.56
N GLN B 191 16.65 24.02 -23.68
N GLN B 191 16.65 24.02 -23.68
CA GLN B 191 15.86 24.83 -22.75
CA GLN B 191 15.86 24.86 -22.76
C GLN B 191 14.36 24.51 -22.81
C GLN B 191 14.37 24.52 -22.81
N ALA B 192 13.85 24.20 -23.99
CA ALA B 192 12.45 23.77 -24.14
C ALA B 192 12.10 22.57 -23.27
N THR B 193 13.06 21.66 -23.09
CA THR B 193 12.81 20.46 -22.30
C THR B 193 12.50 20.76 -20.83
N MET B 194 12.87 21.96 -20.33
CA MET B 194 12.55 22.36 -18.95
C MET B 194 11.22 23.09 -18.78
N THR B 195 10.43 23.20 -19.85
CA THR B 195 9.15 23.91 -19.78
C THR B 195 7.96 22.97 -19.63
N LEU B 196 8.21 21.67 -19.44
CA LEU B 196 7.16 20.68 -19.38
C LEU B 196 6.45 20.69 -18.01
N ARG B 197 5.15 20.93 -18.03
CA ARG B 197 4.32 20.94 -16.83
C ARG B 197 3.06 20.12 -17.11
N VAL B 198 3.18 18.81 -16.97
CA VAL B 198 2.08 17.89 -17.29
C VAL B 198 1.72 16.87 -16.22
N PHE B 199 2.55 16.68 -15.20
CA PHE B 199 2.34 15.52 -14.33
C PHE B 199 0.93 15.41 -13.74
N LYS B 200 0.46 16.47 -13.12
CA LYS B 200 -0.87 16.49 -12.49
C LYS B 200 -2.01 16.23 -13.47
N GLN B 201 -1.80 16.58 -14.73
CA GLN B 201 -2.84 16.40 -15.75
C GLN B 201 -2.78 15.04 -16.50
N LEU B 202 -1.77 14.23 -16.25
CA LEU B 202 -1.66 12.93 -16.92
C LEU B 202 -2.90 12.03 -16.71
N LYS B 203 -3.47 12.09 -15.50
CA LYS B 203 -4.68 11.31 -15.15
C LYS B 203 -5.92 11.68 -15.96
N GLU B 204 -5.91 12.87 -16.58
CA GLU B 204 -7.00 13.35 -17.43
C GLU B 204 -6.90 12.91 -18.90
N ILE B 205 -5.77 12.31 -19.31
CA ILE B 205 -5.59 11.84 -20.69
C ILE B 205 -6.60 10.73 -21.00
N GLN B 206 -7.41 10.95 -22.03
CA GLN B 206 -8.44 10.01 -22.49
CA GLN B 206 -8.45 10.01 -22.47
C GLN B 206 -7.96 9.07 -23.60
N ALA B 207 -6.87 9.41 -24.27
CA ALA B 207 -6.37 8.59 -25.37
C ALA B 207 -5.92 7.22 -24.87
N PRO B 208 -6.30 6.14 -25.57
CA PRO B 208 -5.59 4.87 -25.36
C PRO B 208 -4.10 5.05 -25.58
N THR B 209 -3.31 4.52 -24.67
CA THR B 209 -1.91 4.86 -24.56
C THR B 209 -1.03 3.63 -24.48
N LEU B 210 0.10 3.67 -25.18
CA LEU B 210 1.18 2.70 -25.03
C LEU B 210 2.41 3.51 -24.62
N VAL B 211 3.05 3.06 -23.54
CA VAL B 211 4.29 3.65 -23.06
C VAL B 211 5.38 2.62 -23.25
N ALA B 212 6.45 3.00 -23.93
CA ALA B 212 7.50 2.08 -24.32
C ALA B 212 8.88 2.68 -24.10
N THR B 213 9.82 1.89 -23.62
CA THR B 213 11.22 2.33 -23.49
C THR B 213 12.16 1.13 -23.42
N GLY B 214 13.45 1.40 -23.45
CA GLY B 214 14.45 0.36 -23.17
C GLY B 214 14.76 0.39 -21.69
N ARG B 215 14.88 -0.78 -21.07
CA ARG B 215 15.13 -0.92 -19.62
C ARG B 215 16.38 -0.19 -19.16
N ASP B 216 17.42 -0.24 -19.98
CA ASP B 216 18.74 0.28 -19.63
C ASP B 216 19.03 1.64 -20.25
N ASP B 217 18.00 2.49 -20.30
CA ASP B 217 18.10 3.82 -20.83
C ASP B 217 18.98 4.63 -19.86
N MET B 218 20.10 5.13 -20.38
CA MET B 218 21.10 5.89 -19.63
C MET B 218 20.81 7.37 -19.61
N LEU B 219 19.91 7.85 -20.49
CA LEU B 219 19.55 9.24 -20.50
C LEU B 219 18.28 9.51 -19.68
N ILE B 220 17.22 8.74 -19.92
CA ILE B 220 15.96 8.92 -19.21
C ILE B 220 15.66 7.62 -18.51
N PRO B 221 15.78 7.61 -17.17
CA PRO B 221 15.58 6.35 -16.45
C PRO B 221 14.24 5.72 -16.79
N ALA B 222 14.26 4.42 -17.02
CA ALA B 222 13.08 3.71 -17.50
C ALA B 222 11.91 3.76 -16.50
N VAL B 223 12.21 3.99 -15.22
CA VAL B 223 11.17 4.14 -14.22
C VAL B 223 10.16 5.25 -14.57
N ASN B 224 10.59 6.27 -15.32
CA ASN B 224 9.66 7.31 -15.79
C ASN B 224 8.53 6.75 -16.66
N SER B 225 8.79 5.70 -17.44
CA SER B 225 7.76 5.00 -18.21
C SER B 225 6.77 4.29 -17.31
N GLU B 226 7.26 3.71 -16.21
CA GLU B 226 6.38 3.11 -15.20
C GLU B 226 5.50 4.18 -14.57
N ILE B 227 6.08 5.35 -14.27
CA ILE B 227 5.30 6.47 -13.73
C ILE B 227 4.22 6.90 -14.74
N LEU B 228 4.60 7.08 -16.01
CA LEU B 228 3.63 7.46 -17.04
C LEU B 228 2.49 6.44 -17.14
N ALA B 229 2.84 5.16 -17.21
CA ALA B 229 1.87 4.09 -17.35
C ALA B 229 0.90 4.01 -16.16
N ARG B 230 1.40 4.30 -14.96
CA ARG B 230 0.58 4.26 -13.75
C ARG B 230 -0.44 5.41 -13.74
N GLU B 231 0.01 6.61 -14.12
CA GLU B 231 -0.81 7.81 -14.07
C GLU B 231 -1.88 7.90 -15.15
N ILE B 232 -1.60 7.40 -16.35
CA ILE B 232 -2.53 7.50 -17.47
C ILE B 232 -3.53 6.32 -17.40
N PRO B 233 -4.86 6.62 -17.24
CA PRO B 233 -5.85 5.53 -17.18
C PRO B 233 -5.79 4.62 -18.41
N GLY B 234 -5.76 3.31 -18.17
CA GLY B 234 -5.75 2.35 -19.26
C GLY B 234 -4.45 2.20 -20.04
N ALA B 235 -3.39 2.87 -19.64
CA ALA B 235 -2.12 2.84 -20.39
C ALA B 235 -1.45 1.47 -20.33
N GLU B 236 -0.90 1.04 -21.44
CA GLU B 236 -0.15 -0.21 -21.55
C GLU B 236 1.35 0.13 -21.48
N LEU B 237 2.16 -0.80 -20.99
CA LEU B 237 3.58 -0.61 -20.78
C LEU B 237 4.39 -1.69 -21.47
N ALA B 238 5.41 -1.29 -22.22
CA ALA B 238 6.35 -2.23 -22.84
C ALA B 238 7.76 -1.78 -22.56
N ILE B 239 8.47 -2.52 -21.72
CA ILE B 239 9.88 -2.23 -21.44
C ILE B 239 10.72 -3.33 -22.08
N PHE B 240 11.64 -2.94 -22.96
CA PHE B 240 12.48 -3.88 -23.72
C PHE B 240 13.81 -4.12 -23.02
N GLU B 241 14.12 -5.40 -22.81
CA GLU B 241 15.18 -5.78 -21.90
C GLU B 241 16.60 -5.37 -22.26
N SER B 242 17.11 -5.63 -23.45
CA SER B 242 18.55 -5.34 -23.66
C SER B 242 18.73 -4.09 -24.49
N ALA B 243 18.12 -3.00 -24.01
CA ALA B 243 17.94 -1.82 -24.87
C ALA B 243 17.86 -0.57 -24.03
N GLY B 244 18.21 0.55 -24.62
CA GLY B 244 18.29 1.82 -23.93
C GLY B 244 17.47 2.89 -24.60
N HIS B 245 17.98 4.10 -24.59
CA HIS B 245 17.28 5.21 -25.16
C HIS B 245 16.96 5.00 -26.65
N GLY B 246 17.87 4.34 -27.36
CA GLY B 246 17.72 4.05 -28.79
C GLY B 246 16.95 2.78 -29.10
N PHE B 247 16.00 2.40 -28.24
CA PHE B 247 15.22 1.15 -28.39
C PHE B 247 14.45 1.04 -29.71
N VAL B 248 14.06 2.16 -30.30
CA VAL B 248 13.41 2.12 -31.61
C VAL B 248 14.33 1.42 -32.65
N THR B 249 15.66 1.61 -32.52
CA THR B 249 16.64 0.92 -33.36
C THR B 249 17.09 -0.43 -32.76
N SER B 250 17.52 -0.43 -31.49
CA SER B 250 18.14 -1.63 -30.91
C SER B 250 17.09 -2.69 -30.51
N ALA B 251 15.83 -2.32 -30.39
CA ALA B 251 14.75 -3.28 -30.16
C ALA B 251 13.68 -3.12 -31.26
N ARG B 252 14.14 -2.87 -32.49
CA ARG B 252 13.24 -2.48 -33.57
C ARG B 252 12.17 -3.51 -33.88
N GLU B 253 12.54 -4.77 -34.06
CA GLU B 253 11.54 -5.80 -34.37
C GLU B 253 10.59 -6.10 -33.22
N PRO B 254 11.11 -6.25 -32.00
CA PRO B 254 10.14 -6.47 -30.90
C PRO B 254 9.22 -5.27 -30.68
N PHE B 255 9.74 -4.06 -30.84
CA PHE B 255 8.92 -2.87 -30.70
C PHE B 255 7.92 -2.73 -31.84
N LEU B 256 8.35 -2.97 -33.06
CA LEU B 256 7.41 -2.98 -34.19
C LEU B 256 6.23 -3.92 -33.94
N LYS B 257 6.55 -5.11 -33.45
CA LYS B 257 5.52 -6.09 -33.16
C LYS B 257 4.52 -5.54 -32.11
N VAL B 258 5.04 -4.95 -31.03
CA VAL B 258 4.19 -4.39 -29.99
C VAL B 258 3.40 -3.19 -30.50
N LEU B 259 4.07 -2.30 -31.23
CA LEU B 259 3.44 -1.09 -31.75
C LEU B 259 2.33 -1.42 -32.74
N LYS B 260 2.57 -2.35 -33.65
CA LYS B 260 1.57 -2.71 -34.66
C LYS B 260 0.35 -3.37 -34.05
N GLU B 261 0.57 -4.20 -33.05
CA GLU B 261 -0.51 -4.88 -32.34
C GLU B 261 -1.36 -3.85 -31.57
N PHE B 262 -0.70 -2.87 -30.96
CA PHE B 262 -1.40 -1.80 -30.27
C PHE B 262 -2.24 -0.96 -31.24
N LEU B 263 -1.63 -0.57 -32.36
CA LEU B 263 -2.31 0.25 -33.36
C LEU B 263 -3.45 -0.47 -34.09
N ALA B 264 -3.34 -1.78 -34.26
CA ALA B 264 -4.41 -2.56 -34.91
C ALA B 264 -5.74 -2.52 -34.12
N ARG B 265 -5.65 -2.29 -32.81
CA ARG B 265 -6.81 -2.13 -31.95
C ARG B 265 -7.30 -0.68 -31.84
N GLN B 266 -6.72 0.24 -32.61
CA GLN B 266 -7.10 1.67 -32.51
C GLN B 266 -7.73 2.15 -33.82
N SER B 267 -8.37 3.32 -33.75
CA SER B 267 -8.95 3.98 -34.94
C SER B 267 -8.98 5.49 -34.78
N VAL B 268 -9.10 6.21 -35.89
CA VAL B 268 -9.30 7.66 -35.89
C VAL B 268 -10.76 8.07 -35.97
N MET C 1 16.56 27.89 1.35
N MET C 1 17.62 30.09 0.65
CA MET C 1 17.31 28.59 0.28
CA MET C 1 17.38 28.62 0.50
C MET C 1 18.59 27.91 -0.23
C MET C 1 18.59 27.93 -0.15
N LEU C 2 19.19 26.98 0.54
CA LEU C 2 20.37 26.20 0.05
C LEU C 2 19.99 24.78 -0.39
N TYR C 3 20.61 24.33 -1.47
CA TYR C 3 20.34 23.02 -2.04
C TYR C 3 21.65 22.34 -2.44
N ALA C 4 21.68 21.03 -2.32
CA ALA C 4 22.80 20.25 -2.84
C ALA C 4 22.24 19.27 -3.85
N GLN C 5 22.80 19.27 -5.06
CA GLN C 5 22.36 18.32 -6.06
C GLN C 5 23.15 17.06 -5.91
N VAL C 6 22.44 15.98 -5.65
CA VAL C 6 23.01 14.66 -5.42
C VAL C 6 22.33 13.68 -6.37
N ASN C 7 23.13 13.08 -7.25
CA ASN C 7 22.59 12.14 -8.26
C ASN C 7 21.42 12.75 -9.05
N GLY C 8 21.53 14.03 -9.40
CA GLY C 8 20.46 14.71 -10.13
C GLY C 8 19.20 15.05 -9.36
N ILE C 9 19.20 14.86 -8.05
CA ILE C 9 18.10 15.21 -7.16
C ILE C 9 18.59 16.38 -6.28
N ASN C 10 17.72 17.35 -6.07
CA ASN C 10 18.03 18.48 -5.21
C ASN C 10 17.51 18.25 -3.78
N LEU C 11 18.44 18.36 -2.83
CA LEU C 11 18.17 18.21 -1.44
C LEU C 11 18.33 19.54 -0.74
N HIS C 12 17.26 20.04 -0.13
CA HIS C 12 17.33 21.22 0.73
C HIS C 12 18.02 20.88 2.06
N TYR C 13 18.99 21.70 2.47
CA TYR C 13 19.68 21.54 3.74
C TYR C 13 19.86 22.90 4.40
N GLU C 14 20.14 22.87 5.68
CA GLU C 14 20.61 24.04 6.43
C GLU C 14 21.83 23.62 7.20
N ILE C 15 22.78 24.52 7.31
CA ILE C 15 24.01 24.27 8.02
C ILE C 15 24.29 25.48 8.92
N GLU C 16 24.66 25.21 10.16
CA GLU C 16 24.78 26.25 11.18
C GLU C 16 25.82 25.82 12.20
N GLY C 17 26.59 26.81 12.64
CA GLY C 17 27.55 26.63 13.72
C GLY C 17 28.93 26.38 13.19
N GLN C 18 29.86 26.35 14.12
CA GLN C 18 31.26 26.08 13.84
C GLN C 18 31.66 24.91 14.74
N GLY C 19 32.66 24.17 14.27
CA GLY C 19 33.13 23.01 14.97
C GLY C 19 33.11 21.83 14.04
N GLN C 20 33.26 20.65 14.63
CA GLN C 20 33.23 19.42 13.89
C GLN C 20 31.83 19.17 13.29
N PRO C 21 31.78 18.59 12.11
CA PRO C 21 30.49 18.40 11.46
C PRO C 21 29.63 17.31 12.12
N LEU C 22 28.36 17.64 12.33
CA LEU C 22 27.37 16.74 12.92
C LEU C 22 26.16 16.70 11.99
N LEU C 23 25.95 15.56 11.35
CA LEU C 23 24.83 15.36 10.43
C LEU C 23 23.67 14.74 11.20
N LEU C 24 22.51 15.38 11.12
CA LEU C 24 21.28 14.93 11.75
C LEU C 24 20.37 14.38 10.66
N ILE C 25 19.86 13.16 10.87
CA ILE C 25 19.02 12.49 9.88
C ILE C 25 17.67 12.23 10.48
N MET C 26 16.63 12.73 9.81
CA MET C 26 15.27 12.74 10.36
C MET C 26 14.55 11.46 9.89
N GLY C 27 13.47 11.13 10.56
CA GLY C 27 12.69 9.92 10.29
C GLY C 27 11.61 10.01 9.24
N LEU C 28 10.63 9.10 9.35
CA LEU C 28 9.74 8.70 8.24
C LEU C 28 8.89 9.88 7.83
N GLY C 29 9.10 10.32 6.60
CA GLY C 29 8.30 11.35 5.95
C GLY C 29 8.47 12.73 6.53
N ALA C 30 9.51 12.94 7.33
CA ALA C 30 9.67 14.18 8.08
C ALA C 30 10.79 15.04 7.50
N PRO C 31 10.51 16.34 7.33
CA PRO C 31 11.52 17.25 6.81
C PRO C 31 12.42 17.72 7.96
N ALA C 32 13.45 18.50 7.62
CA ALA C 32 14.32 19.14 8.60
C ALA C 32 13.54 19.99 9.60
N ALA C 33 12.46 20.64 9.14
CA ALA C 33 11.58 21.42 10.02
C ALA C 33 11.00 20.62 11.21
N ALA C 34 10.96 19.29 11.11
CA ALA C 34 10.51 18.50 12.26
C ALA C 34 11.50 18.45 13.44
N TRP C 35 12.77 18.83 13.25
CA TRP C 35 13.72 18.83 14.36
C TRP C 35 13.28 19.85 15.41
N ASP C 36 13.36 19.43 16.67
CA ASP C 36 13.18 20.30 17.81
C ASP C 36 14.19 21.46 17.68
N PRO C 37 13.70 22.71 17.57
CA PRO C 37 14.65 23.82 17.30
C PRO C 37 15.62 24.14 18.43
N ILE C 38 15.21 23.98 19.68
CA ILE C 38 16.08 24.25 20.80
C ILE C 38 17.21 23.24 20.82
N PHE C 39 16.88 21.99 20.54
CA PHE C 39 17.86 20.92 20.41
C PHE C 39 18.94 21.30 19.39
N VAL C 40 18.50 21.65 18.17
CA VAL C 40 19.41 21.98 17.07
C VAL C 40 20.23 23.23 17.40
N GLN C 41 19.57 24.30 17.86
CA GLN C 41 20.27 25.53 18.17
C GLN C 41 21.35 25.32 19.24
N THR C 42 21.03 24.54 20.27
CA THR C 42 22.00 24.22 21.32
C THR C 42 23.23 23.50 20.76
N LEU C 43 23.04 22.55 19.86
CA LEU C 43 24.17 21.85 19.24
C LEU C 43 25.08 22.73 18.39
N THR C 44 24.53 23.77 17.77
CA THR C 44 25.32 24.73 16.97
C THR C 44 26.38 25.48 17.78
N LYS C 45 26.21 25.57 19.08
CA LYS C 45 27.23 26.16 19.96
C LYS C 45 28.53 25.41 19.98
N THR C 46 28.52 24.09 19.77
CA THR C 46 29.73 23.26 19.78
C THR C 46 30.09 22.60 18.45
N HIS C 47 29.11 22.42 17.57
CA HIS C 47 29.30 21.66 16.34
C HIS C 47 28.75 22.44 15.16
N GLN C 48 29.27 22.09 13.98
CA GLN C 48 28.66 22.52 12.74
C GLN C 48 27.53 21.51 12.40
N VAL C 49 26.29 21.92 12.62
CA VAL C 49 25.14 21.05 12.52
C VAL C 49 24.55 21.13 11.14
N ILE C 50 24.31 19.97 10.55
CA ILE C 50 23.68 19.87 9.24
C ILE C 50 22.33 19.16 9.40
N ILE C 51 21.26 19.83 8.98
CA ILE C 51 19.97 19.23 8.91
C ILE C 51 19.48 19.31 7.48
N TYR C 52 18.56 18.41 7.10
CA TYR C 52 18.10 18.36 5.74
C TYR C 52 16.78 17.66 5.53
N ASP C 53 16.19 17.93 4.38
CA ASP C 53 14.98 17.30 3.94
C ASP C 53 15.37 16.11 3.07
N ASN C 54 15.07 14.91 3.53
CA ASN C 54 15.17 13.73 2.70
C ASN C 54 14.29 13.90 1.47
N ARG C 55 14.67 13.23 0.40
CA ARG C 55 13.84 13.25 -0.79
C ARG C 55 12.44 12.79 -0.44
N GLY C 56 11.45 13.46 -1.02
CA GLY C 56 10.08 13.26 -0.69
C GLY C 56 9.52 14.22 0.32
N THR C 57 10.39 14.97 1.02
CA THR C 57 9.97 15.83 2.13
C THR C 57 10.41 17.27 1.93
N GLY C 58 9.74 18.15 2.69
CA GLY C 58 10.10 19.56 2.77
C GLY C 58 10.21 20.20 1.40
N LEU C 59 11.36 20.82 1.17
CA LEU C 59 11.64 21.52 -0.05
C LEU C 59 12.53 20.71 -0.99
N SER C 60 12.87 19.47 -0.65
CA SER C 60 13.68 18.65 -1.54
C SER C 60 12.84 18.11 -2.71
N ASP C 61 13.49 17.63 -3.75
CA ASP C 61 12.79 16.94 -4.83
C ASP C 61 12.12 15.67 -4.28
N LYS C 62 11.04 15.28 -4.95
CA LYS C 62 10.13 14.25 -4.50
C LYS C 62 9.83 13.26 -5.64
N PRO C 63 10.87 12.61 -6.18
CA PRO C 63 10.64 11.64 -7.26
C PRO C 63 9.73 10.49 -6.82
N ASP C 64 8.79 10.11 -7.69
CA ASP C 64 7.85 9.06 -7.38
C ASP C 64 8.42 7.73 -7.90
N MET C 65 9.23 7.11 -7.04
CA MET C 65 9.96 5.88 -7.34
C MET C 65 10.12 5.13 -6.00
N PRO C 66 10.40 3.81 -6.05
CA PRO C 66 10.69 3.14 -4.80
C PRO C 66 11.87 3.79 -4.10
N TYR C 67 11.72 4.06 -2.81
CA TYR C 67 12.84 4.53 -1.98
C TYR C 67 13.33 3.34 -1.17
N SER C 68 14.58 3.43 -0.73
CA SER C 68 15.16 2.44 0.16
C SER C 68 16.12 3.09 1.14
N ILE C 69 16.47 2.36 2.20
CA ILE C 69 17.47 2.84 3.16
C ILE C 69 18.84 3.06 2.49
N ALA C 70 19.25 2.16 1.59
CA ALA C 70 20.50 2.33 0.81
C ALA C 70 20.50 3.62 -0.01
N MET C 71 19.37 3.91 -0.62
CA MET C 71 19.20 5.16 -1.38
C MET C 71 19.31 6.39 -0.46
N PHE C 72 18.61 6.36 0.68
CA PHE C 72 18.70 7.46 1.63
C PHE C 72 20.14 7.64 2.11
N ALA C 73 20.85 6.53 2.32
CA ALA C 73 22.22 6.61 2.79
C ALA C 73 23.12 7.23 1.74
N SER C 74 22.93 6.82 0.49
CA SER C 74 23.62 7.39 -0.66
C SER C 74 23.35 8.91 -0.81
N ASP C 75 22.12 9.35 -0.58
CA ASP C 75 21.76 10.77 -0.53
C ASP C 75 22.53 11.53 0.56
N ALA C 76 22.63 10.93 1.74
CA ALA C 76 23.34 11.54 2.86
C ALA C 76 24.83 11.69 2.57
N VAL C 77 25.43 10.65 2.00
CA VAL C 77 26.84 10.70 1.61
C VAL C 77 27.07 11.74 0.52
N GLY C 78 26.14 11.85 -0.43
CA GLY C 78 26.25 12.84 -1.48
C GLY C 78 26.14 14.26 -0.94
N LEU C 79 25.35 14.45 0.12
CA LEU C 79 25.24 15.75 0.76
C LEU C 79 26.59 16.12 1.36
N LEU C 80 27.19 15.17 2.07
CA LEU C 80 28.52 15.36 2.63
C LEU C 80 29.56 15.64 1.55
N ASP C 81 29.46 14.97 0.40
CA ASP C 81 30.37 15.24 -0.74
C ASP C 81 30.21 16.65 -1.26
N ALA C 82 28.97 17.07 -1.48
CA ALA C 82 28.69 18.43 -1.93
C ALA C 82 29.20 19.49 -0.96
N LEU C 83 29.12 19.23 0.34
CA LEU C 83 29.65 20.13 1.37
C LEU C 83 31.15 19.95 1.62
N ASN C 84 31.76 19.00 0.89
CA ASN C 84 33.17 18.71 1.02
C ASN C 84 33.54 18.38 2.46
N ILE C 85 32.73 17.51 3.09
CA ILE C 85 33.00 17.02 4.46
C ILE C 85 33.42 15.54 4.32
N PRO C 86 34.70 15.24 4.58
CA PRO C 86 35.09 13.83 4.48
C PRO C 86 34.49 12.92 5.57
N ARG C 87 34.35 13.44 6.78
CA ARG C 87 33.97 12.63 7.94
C ARG C 87 33.02 13.42 8.84
N ALA C 88 31.91 12.83 9.25
CA ALA C 88 30.94 13.53 10.11
C ALA C 88 30.48 12.66 11.25
N HIS C 89 30.14 13.30 12.36
CA HIS C 89 29.34 12.62 13.39
C HIS C 89 27.91 12.52 12.86
N VAL C 90 27.29 11.37 13.02
CA VAL C 90 25.95 11.13 12.46
C VAL C 90 24.98 10.78 13.58
N PHE C 91 23.89 11.55 13.68
CA PHE C 91 22.80 11.25 14.59
C PHE C 91 21.52 11.06 13.78
N GLY C 92 20.90 9.89 13.88
CA GLY C 92 19.67 9.58 13.18
C GLY C 92 18.60 9.11 14.13
N VAL C 93 17.38 9.62 13.96
CA VAL C 93 16.22 9.26 14.78
C VAL C 93 15.28 8.42 13.96
N SER C 94 14.80 7.34 14.53
CA SER C 94 13.78 6.48 13.92
C SER C 94 14.26 5.91 12.58
N MET C 95 13.51 6.10 11.50
CA MET C 95 14.02 5.75 10.15
C MET C 95 15.38 6.42 9.88
N GLY C 96 15.61 7.61 10.40
CA GLY C 96 16.92 8.25 10.29
C GLY C 96 18.03 7.45 10.96
N GLY C 97 17.68 6.79 12.07
CA GLY C 97 18.54 5.85 12.73
C GLY C 97 18.83 4.61 11.88
N MET C 98 17.89 4.21 11.06
CA MET C 98 18.12 3.09 10.14
C MET C 98 19.11 3.50 9.05
N ILE C 99 18.94 4.73 8.57
CA ILE C 99 19.84 5.29 7.58
C ILE C 99 21.25 5.40 8.17
N ALA C 100 21.34 5.85 9.42
CA ALA C 100 22.62 5.93 10.12
C ALA C 100 23.35 4.58 10.26
N GLN C 101 22.58 3.53 10.55
CA GLN C 101 23.15 2.18 10.64
C GLN C 101 23.76 1.78 9.29
N GLU C 102 22.98 1.98 8.23
CA GLU C 102 23.43 1.73 6.87
C GLU C 102 24.73 2.50 6.52
N LEU C 103 24.79 3.77 6.94
CA LEU C 103 25.98 4.59 6.74
C LEU C 103 27.19 4.01 7.47
N ALA C 104 27.01 3.61 8.73
CA ALA C 104 28.12 3.09 9.51
C ALA C 104 28.65 1.75 8.98
N ILE C 105 27.79 0.96 8.35
CA ILE C 105 28.17 -0.34 7.80
C ILE C 105 28.82 -0.19 6.41
N HIS C 106 28.15 0.53 5.52
CA HIS C 106 28.53 0.61 4.10
C HIS C 106 29.42 1.81 3.74
N TYR C 107 29.51 2.82 4.62
CA TYR C 107 30.37 3.98 4.37
C TYR C 107 31.12 4.37 5.64
N PRO C 108 31.82 3.41 6.28
CA PRO C 108 32.46 3.65 7.59
C PRO C 108 33.46 4.80 7.60
N GLN C 109 34.15 4.97 6.48
CA GLN C 109 35.09 6.09 6.29
C GLN C 109 34.46 7.48 6.39
N ARG C 110 33.15 7.59 6.17
CA ARG C 110 32.44 8.87 6.25
CA ARG C 110 32.44 8.87 6.25
C ARG C 110 31.88 9.18 7.64
N VAL C 111 31.93 8.22 8.55
CA VAL C 111 31.26 8.31 9.84
C VAL C 111 32.29 8.37 10.95
N ALA C 112 32.32 9.48 11.67
CA ALA C 112 33.27 9.68 12.76
C ALA C 112 32.75 9.07 14.05
N SER C 113 31.50 9.36 14.38
CA SER C 113 30.82 8.72 15.48
C SER C 113 29.33 8.59 15.11
N LEU C 114 28.63 7.71 15.82
CA LEU C 114 27.31 7.27 15.43
C LEU C 114 26.40 7.39 16.62
N ILE C 115 25.28 8.09 16.46
CA ILE C 115 24.25 8.14 17.49
C ILE C 115 22.94 7.68 16.87
N LEU C 116 22.32 6.68 17.51
CA LEU C 116 21.15 5.99 17.02
C LEU C 116 20.02 6.23 17.99
N GLY C 117 19.07 7.09 17.58
CA GLY C 117 17.96 7.54 18.43
C GLY C 117 16.68 6.80 18.09
N CYS C 118 16.00 6.30 19.12
CA CYS C 118 14.72 5.58 18.99
C CYS C 118 14.59 4.82 17.67
N THR C 119 15.53 3.92 17.41
CA THR C 119 15.53 3.21 16.15
C THR C 119 15.58 1.70 16.34
N THR C 120 15.75 0.97 15.23
CA THR C 120 15.64 -0.49 15.25
C THR C 120 16.49 -1.08 14.15
N PRO C 121 17.02 -2.28 14.37
CA PRO C 121 17.72 -2.94 13.27
C PRO C 121 16.79 -3.66 12.31
N GLY C 122 15.48 -3.71 12.60
CA GLY C 122 14.56 -4.49 11.79
C GLY C 122 14.83 -5.99 11.80
N GLY C 123 13.97 -6.70 11.08
CA GLY C 123 14.10 -8.14 10.87
C GLY C 123 13.63 -8.97 12.03
N LYS C 124 13.90 -10.26 11.95
CA LYS C 124 13.42 -11.26 12.94
C LYS C 124 14.01 -11.07 14.33
N HIS C 125 15.19 -10.44 14.45
CA HIS C 125 15.79 -10.22 15.78
C HIS C 125 15.24 -8.94 16.45
N ALA C 126 14.55 -8.09 15.70
CA ALA C 126 13.96 -6.89 16.25
C ALA C 126 12.64 -7.19 16.88
N VAL C 127 12.15 -6.23 17.68
CA VAL C 127 10.83 -6.26 18.24
C VAL C 127 9.97 -5.21 17.57
N PRO C 128 8.98 -5.65 16.82
CA PRO C 128 8.14 -4.79 16.01
C PRO C 128 7.28 -3.82 16.77
N ALA C 129 6.86 -2.77 16.09
CA ALA C 129 5.96 -1.78 16.65
C ALA C 129 4.65 -2.48 17.04
N PRO C 130 4.00 -2.05 18.13
CA PRO C 130 2.68 -2.61 18.42
C PRO C 130 1.75 -2.36 17.23
N PRO C 131 0.96 -3.39 16.80
CA PRO C 131 -0.07 -3.20 15.77
C PRO C 131 -0.99 -1.97 15.94
N GLU C 132 -1.34 -1.63 17.18
CA GLU C 132 -2.12 -0.39 17.45
C GLU C 132 -1.41 0.90 17.03
N SER C 133 -0.11 0.97 17.24
CA SER C 133 0.69 2.14 16.81
C SER C 133 0.79 2.20 15.29
N LEU C 134 1.02 1.05 14.66
CA LEU C 134 1.10 0.97 13.21
C LEU C 134 -0.23 1.34 12.50
N LYS C 135 -1.33 0.83 13.03
CA LYS C 135 -2.69 1.17 12.57
C LYS C 135 -2.94 2.68 12.67
N ALA C 136 -2.64 3.29 13.82
CA ALA C 136 -2.78 4.76 13.98
C ALA C 136 -1.66 5.58 13.23
N LEU C 137 -1.60 5.45 11.90
CA LEU C 137 -0.51 6.02 11.10
C LEU C 137 -0.97 6.36 9.67
N THR C 144 -7.42 16.01 8.67
CA THR C 144 -6.79 17.36 8.56
C THR C 144 -5.32 17.27 8.96
N PRO C 145 -4.42 18.00 8.26
CA PRO C 145 -3.01 17.95 8.67
C PRO C 145 -2.76 18.36 10.12
N GLU C 146 -3.37 19.46 10.57
CA GLU C 146 -3.29 19.89 11.97
C GLU C 146 -3.73 18.81 12.96
N GLU C 147 -4.86 18.17 12.71
CA GLU C 147 -5.35 17.15 13.64
C GLU C 147 -4.52 15.85 13.55
N ALA C 148 -3.95 15.57 12.39
CA ALA C 148 -2.97 14.49 12.26
C ALA C 148 -1.72 14.70 13.13
N ILE C 149 -1.25 15.94 13.21
CA ILE C 149 -0.12 16.28 14.08
C ILE C 149 -0.48 16.07 15.55
N ARG C 150 -1.64 16.56 15.97
CA ARG C 150 -2.09 16.37 17.35
C ARG C 150 -2.29 14.92 17.76
N GLU C 151 -2.82 14.12 16.83
CA GLU C 151 -2.98 12.68 17.04
C GLU C 151 -1.59 11.98 17.05
N GLY C 152 -0.69 12.43 16.19
CA GLY C 152 0.69 11.97 16.18
C GLY C 152 1.44 12.16 17.49
N TRP C 153 1.11 13.22 18.26
CA TRP C 153 1.72 13.43 19.56
C TRP C 153 1.50 12.29 20.55
N LYS C 154 0.33 11.64 20.47
CA LYS C 154 0.02 10.51 21.34
C LYS C 154 0.97 9.32 21.18
N LEU C 155 1.51 9.16 20.00
CA LEU C 155 2.53 8.16 19.74
C LEU C 155 3.91 8.51 20.27
N SER C 156 4.19 9.81 20.42
CA SER C 156 5.53 10.26 20.84
C SER C 156 5.67 10.74 22.28
N PHE C 157 4.56 11.13 22.88
CA PHE C 157 4.56 11.79 24.20
C PHE C 157 3.45 11.22 25.07
N SER C 158 3.71 11.11 26.38
CA SER C 158 2.69 10.74 27.36
C SER C 158 1.57 11.78 27.41
N GLU C 159 0.41 11.37 27.90
CA GLU C 159 -0.75 12.26 28.07
C GLU C 159 -0.43 13.45 28.97
N GLU C 160 0.32 13.21 30.06
CA GLU C 160 0.70 14.27 31.01
C GLU C 160 1.65 15.28 30.34
N PHE C 161 2.63 14.77 29.58
CA PHE C 161 3.54 15.63 28.86
C PHE C 161 2.79 16.51 27.86
N ILE C 162 1.87 15.93 27.11
CA ILE C 162 1.07 16.68 26.14
C ILE C 162 0.26 17.79 26.84
N HIS C 163 -0.27 17.50 28.02
CA HIS C 163 -1.04 18.47 28.79
C HIS C 163 -0.16 19.62 29.29
N THR C 164 0.95 19.27 29.95
CA THR C 164 1.81 20.27 30.58
C THR C 164 2.73 21.03 29.63
N HIS C 165 2.89 20.56 28.37
CA HIS C 165 3.72 21.22 27.36
C HIS C 165 2.91 21.56 26.09
N LYS C 166 1.61 21.83 26.28
CA LYS C 166 0.70 22.13 25.16
C LYS C 166 1.20 23.27 24.28
N ALA C 167 1.50 24.40 24.91
CA ALA C 167 1.91 25.60 24.18
C ALA C 167 3.18 25.35 23.35
N GLU C 168 4.15 24.66 23.92
CA GLU C 168 5.40 24.31 23.21
C GLU C 168 5.15 23.42 22.00
N LEU C 169 4.33 22.40 22.17
CA LEU C 169 3.98 21.52 21.06
C LEU C 169 3.22 22.25 19.96
N GLU C 170 2.23 23.05 20.34
CA GLU C 170 1.40 23.79 19.39
C GLU C 170 2.17 24.82 18.60
N ALA C 171 3.19 25.42 19.22
CA ALA C 171 4.01 26.39 18.52
C ALA C 171 4.77 25.81 17.30
N HIS C 172 5.01 24.50 17.31
CA HIS C 172 5.67 23.81 16.20
C HIS C 172 4.72 23.52 15.02
N ILE C 173 3.40 23.62 15.19
CA ILE C 173 2.45 23.20 14.15
C ILE C 173 2.60 23.96 12.82
N PRO C 174 2.63 25.31 12.86
CA PRO C 174 2.76 26.06 11.61
C PRO C 174 4.01 25.70 10.79
N ARG C 175 5.16 25.51 11.44
CA ARG C 175 6.36 25.14 10.72
C ARG C 175 6.24 23.73 10.08
N LEU C 176 5.51 22.81 10.72
CA LEU C 176 5.26 21.49 10.13
C LEU C 176 4.25 21.55 8.99
N LEU C 177 3.23 22.41 9.10
CA LEU C 177 2.21 22.54 8.05
C LEU C 177 2.67 23.27 6.81
N ALA C 178 3.75 24.03 6.93
CA ALA C 178 4.30 24.82 5.83
C ALA C 178 4.88 23.96 4.72
N GLN C 179 5.36 22.76 5.08
CA GLN C 179 5.98 21.87 4.11
C GLN C 179 5.50 20.46 4.34
N LEU C 180 4.33 20.13 3.80
CA LEU C 180 3.73 18.82 3.96
C LEU C 180 4.41 17.82 3.05
N THR C 181 4.60 16.62 3.58
CA THR C 181 5.05 15.49 2.79
C THR C 181 3.81 14.99 2.06
N PRO C 182 3.84 14.98 0.71
CA PRO C 182 2.65 14.47 0.01
C PRO C 182 2.46 12.98 0.21
N ARG C 183 1.19 12.55 0.15
CA ARG C 183 0.82 11.15 0.45
C ARG C 183 1.67 10.14 -0.32
N PHE C 184 1.91 10.37 -1.61
CA PHE C 184 2.69 9.41 -2.41
C PHE C 184 4.12 9.25 -1.86
N ALA C 185 4.72 10.36 -1.42
CA ALA C 185 6.07 10.37 -0.88
C ALA C 185 6.11 9.71 0.50
N TYR C 186 5.13 10.01 1.32
CA TYR C 186 4.95 9.33 2.62
C TYR C 186 4.90 7.81 2.48
N GLU C 187 4.17 7.33 1.47
CA GLU C 187 4.08 5.91 1.20
CA GLU C 187 4.08 5.90 1.17
C GLU C 187 5.44 5.34 0.75
N ARG C 188 6.19 6.10 -0.06
CA ARG C 188 7.54 5.68 -0.44
C ARG C 188 8.47 5.56 0.77
N HIS C 189 8.34 6.48 1.72
CA HIS C 189 9.12 6.43 2.97
C HIS C 189 8.74 5.22 3.82
N PHE C 190 7.44 5.00 3.98
CA PHE C 190 6.96 3.85 4.74
C PHE C 190 7.48 2.53 4.16
N GLN C 191 7.39 2.34 2.85
CA GLN C 191 7.95 1.15 2.22
C GLN C 191 9.47 1.08 2.37
N ALA C 192 10.15 2.22 2.37
CA ALA C 192 11.60 2.26 2.61
C ALA C 192 11.99 1.62 3.94
N THR C 193 11.14 1.79 4.96
CA THR C 193 11.44 1.22 6.27
C THR C 193 11.51 -0.30 6.28
N MET C 194 10.98 -0.97 5.26
CA MET C 194 11.07 -2.44 5.16
C MET C 194 12.30 -2.94 4.38
N THR C 195 13.19 -2.05 3.95
CA THR C 195 14.33 -2.43 3.11
C THR C 195 15.63 -2.54 3.89
N LEU C 196 15.55 -2.44 5.22
CA LEU C 196 16.73 -2.48 6.08
C LEU C 196 17.23 -3.89 6.27
N ARG C 197 18.48 -4.13 5.89
CA ARG C 197 19.10 -5.46 6.01
C ARG C 197 20.49 -5.28 6.61
N VAL C 198 20.51 -5.11 7.95
CA VAL C 198 21.75 -4.78 8.65
C VAL C 198 22.11 -5.67 9.84
N PHE C 199 21.20 -6.50 10.34
CA PHE C 199 21.42 -7.09 11.67
C PHE C 199 22.76 -7.83 11.81
N LYS C 200 23.02 -8.75 10.90
CA LYS C 200 24.26 -9.55 10.95
C LYS C 200 25.52 -8.70 10.81
N GLN C 201 25.43 -7.56 10.15
CA GLN C 201 26.58 -6.69 9.94
C GLN C 201 26.78 -5.62 11.05
N LEU C 202 25.86 -5.50 12.00
CA LEU C 202 26.01 -4.54 13.10
C LEU C 202 27.31 -4.78 13.89
N LYS C 203 27.70 -6.06 14.05
CA LYS C 203 28.96 -6.41 14.76
C LYS C 203 30.23 -5.89 14.09
N GLU C 204 30.15 -5.57 12.81
CA GLU C 204 31.26 -4.99 12.03
C GLU C 204 31.41 -3.46 12.16
N ILE C 205 30.44 -2.77 12.77
CA ILE C 205 30.51 -1.31 12.95
C ILE C 205 31.69 -0.95 13.83
N GLN C 206 32.61 -0.14 13.29
CA GLN C 206 33.81 0.32 14.01
C GLN C 206 33.61 1.70 14.67
N ALA C 207 32.61 2.45 14.25
CA ALA C 207 32.34 3.76 14.84
C ALA C 207 32.00 3.66 16.32
N PRO C 208 32.61 4.53 17.16
CA PRO C 208 32.10 4.68 18.51
C PRO C 208 30.62 5.12 18.45
N THR C 209 29.80 4.47 19.26
CA THR C 209 28.38 4.52 19.12
C THR C 209 27.69 4.84 20.42
N LEU C 210 26.68 5.70 20.34
CA LEU C 210 25.74 5.93 21.42
C LEU C 210 24.37 5.55 20.89
N VAL C 211 23.66 4.72 21.64
CA VAL C 211 22.29 4.31 21.31
C VAL C 211 21.39 4.92 22.39
N ALA C 212 20.39 5.67 21.97
CA ALA C 212 19.56 6.42 22.91
C ALA C 212 18.08 6.31 22.56
N THR C 213 17.24 6.16 23.57
CA THR C 213 15.78 6.20 23.36
C THR C 213 15.05 6.57 24.64
N GLY C 214 13.74 6.78 24.56
CA GLY C 214 12.89 6.92 25.74
C GLY C 214 12.38 5.53 26.11
N ARG C 215 12.37 5.21 27.40
CA ARG C 215 11.95 3.90 27.90
C ARG C 215 10.54 3.50 27.47
N ASP C 216 9.64 4.47 27.44
CA ASP C 216 8.22 4.26 27.20
C ASP C 216 7.81 4.57 25.76
N ASP C 217 8.70 4.28 24.81
CA ASP C 217 8.46 4.51 23.40
C ASP C 217 7.35 3.58 22.94
N MET C 218 6.23 4.18 22.51
CA MET C 218 5.03 3.43 22.08
C MET C 218 5.07 3.07 20.60
N LEU C 219 5.96 3.68 19.84
CA LEU C 219 6.07 3.39 18.43
C LEU C 219 7.15 2.35 18.14
N ILE C 220 8.36 2.55 18.68
CA ILE C 220 9.44 1.59 18.51
C ILE C 220 9.86 1.13 19.89
N PRO C 221 9.53 -0.13 20.24
CA PRO C 221 9.85 -0.58 21.61
C PRO C 221 11.29 -0.36 21.96
N ALA C 222 11.52 0.16 23.17
CA ALA C 222 12.87 0.54 23.60
C ALA C 222 13.84 -0.65 23.66
N VAL C 223 13.32 -1.87 23.78
CA VAL C 223 14.16 -3.05 23.75
C VAL C 223 15.01 -3.14 22.46
N ASN C 224 14.54 -2.56 21.36
CA ASN C 224 15.35 -2.49 20.13
C ASN C 224 16.67 -1.75 20.30
N SER C 225 16.70 -0.75 21.16
CA SER C 225 17.94 -0.05 21.50
C SER C 225 18.89 -0.95 22.26
N GLU C 226 18.36 -1.78 23.15
CA GLU C 226 19.17 -2.76 23.87
C GLU C 226 19.76 -3.77 22.86
N ILE C 227 18.95 -4.18 21.90
CA ILE C 227 19.43 -5.10 20.84
C ILE C 227 20.54 -4.46 20.02
N LEU C 228 20.33 -3.22 19.60
CA LEU C 228 21.37 -2.50 18.87
C LEU C 228 22.67 -2.39 19.65
N ALA C 229 22.56 -1.95 20.90
CA ALA C 229 23.73 -1.76 21.76
C ALA C 229 24.49 -3.07 22.01
N ARG C 230 23.78 -4.19 22.07
CA ARG C 230 24.39 -5.49 22.32
C ARG C 230 25.22 -5.94 21.12
N GLU C 231 24.67 -5.73 19.91
CA GLU C 231 25.35 -6.11 18.68
C GLU C 231 26.58 -5.25 18.31
N ILE C 232 26.52 -3.96 18.57
CA ILE C 232 27.57 -3.03 18.13
C ILE C 232 28.72 -3.01 19.17
N PRO C 233 29.96 -3.41 18.78
CA PRO C 233 31.08 -3.38 19.73
C PRO C 233 31.31 -2.00 20.34
N GLY C 234 31.41 -1.94 21.65
CA GLY C 234 31.70 -0.69 22.34
C GLY C 234 30.58 0.34 22.38
N ALA C 235 29.37 -0.02 21.92
CA ALA C 235 28.24 0.86 21.96
C ALA C 235 27.80 1.19 23.38
N GLU C 236 27.48 2.46 23.63
CA GLU C 236 26.97 2.90 24.91
C GLU C 236 25.45 3.02 24.78
N LEU C 237 24.72 2.77 25.88
CA LEU C 237 23.26 2.81 25.85
C LEU C 237 22.73 3.80 26.86
N ALA C 238 21.82 4.68 26.41
CA ALA C 238 21.19 5.68 27.28
C ALA C 238 19.69 5.59 27.08
N ILE C 239 19.00 5.08 28.08
CA ILE C 239 17.55 4.97 28.06
C ILE C 239 17.01 5.99 29.07
N PHE C 240 16.15 6.90 28.60
CA PHE C 240 15.61 7.97 29.44
C PHE C 240 14.26 7.59 30.00
N GLU C 241 14.15 7.73 31.33
CA GLU C 241 12.95 7.43 32.06
C GLU C 241 11.91 8.48 31.73
N SER C 242 10.65 8.08 31.72
CA SER C 242 9.51 8.99 31.56
C SER C 242 9.53 9.75 30.25
N ALA C 243 9.90 9.04 29.19
CA ALA C 243 10.03 9.59 27.87
C ALA C 243 9.81 8.51 26.85
N GLY C 244 9.37 8.90 25.66
CA GLY C 244 8.99 7.94 24.63
C GLY C 244 9.67 8.24 23.33
N HIS C 245 8.97 8.06 22.23
CA HIS C 245 9.55 8.28 20.93
C HIS C 245 10.08 9.69 20.76
N GLY C 246 9.37 10.66 21.35
CA GLY C 246 9.75 12.06 21.29
C GLY C 246 10.77 12.50 22.34
N PHE C 247 11.67 11.59 22.78
CA PHE C 247 12.66 11.86 23.84
C PHE C 247 13.60 13.02 23.53
N VAL C 248 13.89 13.29 22.26
CA VAL C 248 14.68 14.45 21.90
C VAL C 248 14.04 15.74 22.43
N THR C 249 12.70 15.81 22.48
CA THR C 249 11.96 16.94 23.08
C THR C 249 11.66 16.71 24.57
N SER C 250 11.09 15.57 24.94
CA SER C 250 10.64 15.33 26.31
C SER C 250 11.78 15.04 27.30
N ALA C 251 12.93 14.63 26.79
CA ALA C 251 14.12 14.43 27.62
C ALA C 251 15.26 15.28 27.06
N ARG C 252 14.93 16.48 26.58
CA ARG C 252 15.88 17.30 25.83
C ARG C 252 17.13 17.65 26.59
N GLU C 253 17.00 18.16 27.81
CA GLU C 253 18.18 18.57 28.59
C GLU C 253 19.01 17.36 29.04
N PRO C 254 18.38 16.30 29.56
CA PRO C 254 19.22 15.14 29.91
C PRO C 254 19.90 14.50 28.71
N PHE C 255 19.21 14.47 27.56
CA PHE C 255 19.80 13.91 26.35
C PHE C 255 20.89 14.82 25.81
N LEU C 256 20.66 16.14 25.79
CA LEU C 256 21.72 17.07 25.39
C LEU C 256 22.99 16.84 26.20
N LYS C 257 22.82 16.70 27.51
CA LYS C 257 23.96 16.49 28.39
C LYS C 257 24.71 15.21 28.01
N VAL C 258 23.97 14.12 27.79
CA VAL C 258 24.59 12.85 27.41
C VAL C 258 25.23 12.93 26.02
N LEU C 259 24.53 13.53 25.08
CA LEU C 259 25.01 13.65 23.71
C LEU C 259 26.29 14.50 23.63
N LYS C 260 26.30 15.63 24.31
CA LYS C 260 27.47 16.52 24.28
C LYS C 260 28.69 15.89 24.93
N GLU C 261 28.47 15.16 26.00
CA GLU C 261 29.54 14.46 26.71
C GLU C 261 30.11 13.33 25.83
N PHE C 262 29.23 12.63 25.12
CA PHE C 262 29.65 11.59 24.17
C PHE C 262 30.47 12.19 23.03
N LEU C 263 29.97 13.28 22.45
CA LEU C 263 30.65 13.94 21.33
C LEU C 263 31.98 14.61 21.72
N ALA C 264 32.09 15.08 22.95
CA ALA C 264 33.36 15.71 23.42
C ALA C 264 34.52 14.70 23.46
N ARG C 265 34.22 13.41 23.56
CA ARG C 265 35.20 12.34 23.49
C ARG C 265 35.46 11.84 22.07
N GLN C 266 34.86 12.48 21.05
CA GLN C 266 35.02 12.03 19.67
C GLN C 266 35.74 13.08 18.82
N SER C 267 36.17 12.67 17.63
CA SER C 267 36.80 13.56 16.66
C SER C 267 36.58 13.07 15.24
N VAL C 268 36.77 13.98 14.28
CA VAL C 268 36.72 13.65 12.85
C VAL C 268 38.11 13.39 12.26
N MET D 1 -4.48 -38.05 -2.37
CA MET D 1 -5.15 -38.96 -1.40
CA MET D 1 -5.09 -38.93 -1.31
C MET D 1 -6.19 -38.25 -0.49
N LEU D 2 -6.02 -36.95 -0.16
CA LEU D 2 -7.03 -36.20 0.60
C LEU D 2 -7.85 -35.27 -0.26
N TYR D 3 -9.16 -35.21 -0.02
CA TYR D 3 -10.08 -34.43 -0.83
C TYR D 3 -11.09 -33.74 0.06
N ALA D 4 -11.51 -32.55 -0.35
CA ALA D 4 -12.66 -31.88 0.25
C ALA D 4 -13.75 -31.74 -0.80
N GLN D 5 -14.99 -32.04 -0.46
CA GLN D 5 -16.08 -31.81 -1.39
C GLN D 5 -16.60 -30.41 -1.15
N VAL D 6 -16.49 -29.57 -2.18
CA VAL D 6 -16.71 -28.15 -2.11
C VAL D 6 -17.50 -27.74 -3.35
N ASN D 7 -18.62 -27.03 -3.17
CA ASN D 7 -19.45 -26.58 -4.29
C ASN D 7 -19.76 -27.73 -5.27
N GLY D 8 -20.07 -28.91 -4.75
CA GLY D 8 -20.36 -30.08 -5.57
C GLY D 8 -19.21 -30.69 -6.37
N ILE D 9 -17.99 -30.34 -6.01
CA ILE D 9 -16.78 -30.78 -6.68
C ILE D 9 -15.77 -31.29 -5.64
N ASN D 10 -14.90 -32.19 -6.07
CA ASN D 10 -13.81 -32.66 -5.23
C ASN D 10 -12.52 -31.88 -5.49
N LEU D 11 -11.97 -31.31 -4.42
CA LEU D 11 -10.74 -30.59 -4.46
C LEU D 11 -9.66 -31.33 -3.70
N HIS D 12 -8.59 -31.71 -4.38
CA HIS D 12 -7.43 -32.32 -3.75
C HIS D 12 -6.62 -31.24 -3.00
N TYR D 13 -6.26 -31.53 -1.75
CA TYR D 13 -5.39 -30.64 -0.96
C TYR D 13 -4.33 -31.47 -0.23
N GLU D 14 -3.31 -30.79 0.22
CA GLU D 14 -2.33 -31.37 1.13
C GLU D 14 -2.12 -30.38 2.24
N ILE D 15 -1.89 -30.89 3.44
CA ILE D 15 -1.71 -30.08 4.61
C ILE D 15 -0.51 -30.64 5.38
N GLU D 16 0.36 -29.74 5.84
CA GLU D 16 1.58 -30.12 6.52
C GLU D 16 1.97 -29.04 7.52
N GLY D 17 2.51 -29.50 8.65
CA GLY D 17 3.05 -28.63 9.67
C GLY D 17 2.06 -28.39 10.78
N GLN D 18 2.55 -27.71 11.80
CA GLN D 18 1.79 -27.31 12.95
C GLN D 18 1.93 -25.80 13.09
N GLY D 19 0.94 -25.17 13.67
CA GLY D 19 0.93 -23.74 13.86
C GLY D 19 -0.33 -23.16 13.26
N GLN D 20 -0.31 -21.86 13.09
CA GLN D 20 -1.44 -21.16 12.52
C GLN D 20 -1.62 -21.52 11.04
N PRO D 21 -2.87 -21.56 10.59
CA PRO D 21 -3.11 -21.99 9.22
C PRO D 21 -2.69 -20.96 8.17
N LEU D 22 -2.01 -21.44 7.13
CA LEU D 22 -1.52 -20.61 6.03
C LEU D 22 -1.96 -21.27 4.72
N LEU D 23 -2.90 -20.64 4.04
CA LEU D 23 -3.42 -21.12 2.77
C LEU D 23 -2.64 -20.49 1.62
N LEU D 24 -2.11 -21.35 0.76
CA LEU D 24 -1.36 -20.96 -0.42
C LEU D 24 -2.22 -21.19 -1.65
N ILE D 25 -2.33 -20.18 -2.50
CA ILE D 25 -3.19 -20.25 -3.69
C ILE D 25 -2.33 -20.02 -4.91
N MET D 26 -2.38 -20.97 -5.82
CA MET D 26 -1.49 -21.05 -6.96
C MET D 26 -2.14 -20.35 -8.14
N GLY D 27 -1.33 -20.00 -9.13
CA GLY D 27 -1.81 -19.29 -10.32
C GLY D 27 -2.31 -20.17 -11.47
N LEU D 28 -2.24 -19.58 -12.66
CA LEU D 28 -3.06 -20.00 -13.82
C LEU D 28 -2.70 -21.40 -14.25
N GLY D 29 -3.68 -22.27 -14.12
CA GLY D 29 -3.62 -23.65 -14.60
C GLY D 29 -2.69 -24.53 -13.84
N ALA D 30 -2.27 -24.09 -12.65
CA ALA D 30 -1.17 -24.76 -11.94
C ALA D 30 -1.73 -25.50 -10.71
N PRO D 31 -1.29 -26.76 -10.52
CA PRO D 31 -1.73 -27.51 -9.37
C PRO D 31 -0.83 -27.18 -8.18
N ALA D 32 -1.17 -27.76 -7.02
CA ALA D 32 -0.36 -27.66 -5.81
C ALA D 32 1.10 -28.10 -6.05
N ALA D 33 1.29 -29.10 -6.88
CA ALA D 33 2.65 -29.58 -7.27
C ALA D 33 3.54 -28.51 -7.87
N ALA D 34 2.96 -27.42 -8.40
CA ALA D 34 3.79 -26.33 -8.91
C ALA D 34 4.49 -25.50 -7.85
N TRP D 35 4.09 -25.60 -6.58
CA TRP D 35 4.76 -24.85 -5.52
C TRP D 35 6.24 -25.27 -5.41
N ASP D 36 7.09 -24.26 -5.28
CA ASP D 36 8.49 -24.44 -4.96
C ASP D 36 8.58 -25.26 -3.65
N PRO D 37 9.16 -26.48 -3.71
CA PRO D 37 9.11 -27.35 -2.50
C PRO D 37 9.87 -26.84 -1.29
N ILE D 38 11.02 -26.19 -1.50
CA ILE D 38 11.82 -25.69 -0.41
C ILE D 38 11.06 -24.57 0.29
N PHE D 39 10.42 -23.72 -0.50
CA PHE D 39 9.55 -22.67 0.03
C PHE D 39 8.47 -23.25 0.97
N VAL D 40 7.72 -24.23 0.48
CA VAL D 40 6.65 -24.87 1.24
C VAL D 40 7.17 -25.59 2.46
N GLN D 41 8.22 -26.40 2.29
CA GLN D 41 8.78 -27.15 3.42
C GLN D 41 9.25 -26.21 4.52
N THR D 42 9.91 -25.11 4.14
CA THR D 42 10.36 -24.13 5.12
C THR D 42 9.21 -23.52 5.92
N LEU D 43 8.10 -23.21 5.25
CA LEU D 43 6.92 -22.65 5.94
C LEU D 43 6.29 -23.62 6.96
N THR D 44 6.37 -24.93 6.68
CA THR D 44 5.81 -25.96 7.59
C THR D 44 6.48 -25.97 8.97
N LYS D 45 7.71 -25.45 9.08
CA LYS D 45 8.38 -25.33 10.36
C LYS D 45 7.65 -24.42 11.34
N THR D 46 6.93 -23.40 10.85
CA THR D 46 6.23 -22.43 11.70
C THR D 46 4.71 -22.42 11.56
N HIS D 47 4.20 -22.91 10.44
CA HIS D 47 2.78 -22.79 10.13
C HIS D 47 2.25 -24.13 9.66
N GLN D 48 0.94 -24.27 9.80
CA GLN D 48 0.23 -25.37 9.15
C GLN D 48 -0.11 -24.89 7.72
N VAL D 49 0.63 -25.41 6.74
CA VAL D 49 0.56 -24.96 5.36
C VAL D 49 -0.42 -25.81 4.60
N ILE D 50 -1.34 -25.15 3.90
CA ILE D 50 -2.34 -25.80 3.09
C ILE D 50 -2.11 -25.41 1.63
N ILE D 51 -1.89 -26.42 0.79
CA ILE D 51 -1.79 -26.23 -0.64
C ILE D 51 -2.87 -27.08 -1.28
N TYR D 52 -3.26 -26.70 -2.50
CA TYR D 52 -4.34 -27.39 -3.17
C TYR D 52 -4.38 -27.19 -4.66
N ASP D 53 -5.11 -28.10 -5.31
CA ASP D 53 -5.34 -28.05 -6.72
C ASP D 53 -6.66 -27.33 -6.95
N ASN D 54 -6.58 -26.17 -7.59
CA ASN D 54 -7.79 -25.50 -8.06
C ASN D 54 -8.52 -26.43 -9.03
N ARG D 55 -9.83 -26.29 -9.12
CA ARG D 55 -10.55 -27.05 -10.11
C ARG D 55 -9.98 -26.83 -11.49
N GLY D 56 -9.91 -27.91 -12.24
CA GLY D 56 -9.26 -27.92 -13.52
C GLY D 56 -7.84 -28.42 -13.48
N THR D 57 -7.25 -28.54 -12.28
CA THR D 57 -5.82 -28.85 -12.15
C THR D 57 -5.60 -30.07 -11.26
N GLY D 58 -4.39 -30.62 -11.40
CA GLY D 58 -3.91 -31.71 -10.58
C GLY D 58 -4.88 -32.87 -10.49
N LEU D 59 -5.23 -33.21 -9.26
CA LEU D 59 -6.13 -34.31 -8.98
C LEU D 59 -7.51 -33.82 -8.60
N SER D 60 -7.79 -32.52 -8.70
CA SER D 60 -9.14 -32.04 -8.42
C SER D 60 -10.07 -32.35 -9.60
N ASP D 61 -11.37 -32.24 -9.38
CA ASP D 61 -12.32 -32.34 -10.48
C ASP D 61 -12.11 -31.17 -11.45
N LYS D 62 -12.48 -31.41 -12.70
CA LYS D 62 -12.19 -30.52 -13.81
C LYS D 62 -13.45 -30.30 -14.66
N PRO D 63 -14.49 -29.73 -14.07
CA PRO D 63 -15.71 -29.46 -14.86
C PRO D 63 -15.44 -28.48 -16.02
N ASP D 64 -16.01 -28.77 -17.17
CA ASP D 64 -15.83 -27.94 -18.36
C ASP D 64 -16.95 -26.91 -18.41
N MET D 65 -16.70 -25.79 -17.74
CA MET D 65 -17.67 -24.70 -17.57
C MET D 65 -16.86 -23.39 -17.44
N PRO D 66 -17.48 -22.24 -17.67
CA PRO D 66 -16.74 -21.01 -17.43
C PRO D 66 -16.28 -20.94 -15.98
N TYR D 67 -15.01 -20.62 -15.77
CA TYR D 67 -14.49 -20.38 -14.42
C TYR D 67 -14.38 -18.86 -14.21
N SER D 68 -14.33 -18.43 -12.95
CA SER D 68 -14.10 -17.04 -12.60
C SER D 68 -13.30 -16.92 -11.31
N ILE D 69 -12.78 -15.73 -11.04
CA ILE D 69 -12.08 -15.47 -9.79
C ILE D 69 -13.02 -15.65 -8.57
N ALA D 70 -14.27 -15.19 -8.68
CA ALA D 70 -15.28 -15.39 -7.62
C ALA D 70 -15.51 -16.86 -7.32
N MET D 71 -15.58 -17.68 -8.37
CA MET D 71 -15.73 -19.12 -8.22
CA MET D 71 -15.72 -19.13 -8.24
C MET D 71 -14.52 -19.73 -7.51
N PHE D 72 -13.32 -19.36 -7.94
CA PHE D 72 -12.11 -19.85 -7.28
C PHE D 72 -12.09 -19.45 -5.79
N ALA D 73 -12.55 -18.23 -5.51
CA ALA D 73 -12.54 -17.75 -4.14
C ALA D 73 -13.53 -18.53 -3.28
N SER D 74 -14.71 -18.78 -3.85
CA SER D 74 -15.74 -19.62 -3.22
C SER D 74 -15.23 -21.06 -2.93
N ASP D 75 -14.47 -21.63 -3.87
CA ASP D 75 -13.81 -22.93 -3.66
C ASP D 75 -12.83 -22.90 -2.49
N ALA D 76 -12.03 -21.83 -2.40
CA ALA D 76 -11.05 -21.70 -1.32
C ALA D 76 -11.72 -21.58 0.04
N VAL D 77 -12.81 -20.80 0.12
CA VAL D 77 -13.57 -20.67 1.36
C VAL D 77 -14.20 -22.02 1.76
N GLY D 78 -14.70 -22.75 0.77
CA GLY D 78 -15.28 -24.05 1.03
C GLY D 78 -14.24 -25.05 1.53
N LEU D 79 -12.99 -24.93 1.06
CA LEU D 79 -11.92 -25.78 1.55
C LEU D 79 -11.68 -25.49 3.01
N LEU D 80 -11.60 -24.21 3.37
CA LEU D 80 -11.44 -23.79 4.73
C LEU D 80 -12.60 -24.29 5.62
N ASP D 81 -13.84 -24.26 5.08
CA ASP D 81 -15.01 -24.80 5.81
C ASP D 81 -14.86 -26.28 6.07
N ALA D 82 -14.52 -27.04 5.03
CA ALA D 82 -14.30 -28.48 5.17
C ALA D 82 -13.21 -28.83 6.19
N LEU D 83 -12.14 -28.03 6.24
CA LEU D 83 -11.05 -28.19 7.22
C LEU D 83 -11.39 -27.57 8.59
N ASN D 84 -12.58 -26.96 8.69
CA ASN D 84 -13.03 -26.32 9.90
C ASN D 84 -12.02 -25.28 10.39
N ILE D 85 -11.53 -24.45 9.47
CA ILE D 85 -10.61 -23.34 9.79
C ILE D 85 -11.40 -22.03 9.64
N PRO D 86 -11.69 -21.36 10.75
CA PRO D 86 -12.42 -20.11 10.63
C PRO D 86 -11.64 -18.96 9.94
N ARG D 87 -10.33 -18.89 10.18
CA ARG D 87 -9.51 -17.77 9.73
C ARG D 87 -8.14 -18.31 9.31
N ALA D 88 -7.65 -17.93 8.14
CA ALA D 88 -6.32 -18.34 7.70
C ALA D 88 -5.49 -17.18 7.18
N HIS D 89 -4.17 -17.30 7.30
CA HIS D 89 -3.28 -16.43 6.53
C HIS D 89 -3.33 -16.90 5.08
N VAL D 90 -3.44 -15.98 4.13
CA VAL D 90 -3.62 -16.31 2.72
C VAL D 90 -2.50 -15.72 1.89
N PHE D 91 -1.77 -16.56 1.17
CA PHE D 91 -0.79 -16.13 0.21
C PHE D 91 -1.18 -16.63 -1.18
N GLY D 92 -1.35 -15.69 -2.12
CA GLY D 92 -1.64 -16.04 -3.50
C GLY D 92 -0.66 -15.44 -4.48
N VAL D 93 -0.23 -16.23 -5.46
CA VAL D 93 0.72 -15.78 -6.50
C VAL D 93 -0.01 -15.66 -7.81
N SER D 94 0.21 -14.55 -8.49
CA SER D 94 -0.33 -14.34 -9.83
C SER D 94 -1.85 -14.38 -9.84
N MET D 95 -2.49 -15.22 -10.67
CA MET D 95 -3.93 -15.42 -10.59
C MET D 95 -4.34 -15.81 -9.16
N GLY D 96 -3.50 -16.55 -8.43
CA GLY D 96 -3.77 -16.86 -7.03
C GLY D 96 -3.85 -15.61 -6.17
N GLY D 97 -3.04 -14.61 -6.50
CA GLY D 97 -3.10 -13.30 -5.91
C GLY D 97 -4.40 -12.58 -6.20
N MET D 98 -4.97 -12.82 -7.37
CA MET D 98 -6.27 -12.24 -7.68
C MET D 98 -7.34 -12.88 -6.84
N ILE D 99 -7.24 -14.19 -6.69
CA ILE D 99 -8.17 -14.94 -5.84
C ILE D 99 -8.07 -14.46 -4.39
N ALA D 100 -6.84 -14.25 -3.93
CA ALA D 100 -6.61 -13.73 -2.58
C ALA D 100 -7.23 -12.35 -2.35
N GLN D 101 -7.14 -11.47 -3.33
CA GLN D 101 -7.76 -10.13 -3.23
C GLN D 101 -9.27 -10.27 -3.08
N GLU D 102 -9.86 -11.10 -3.93
CA GLU D 102 -11.28 -11.41 -3.88
C GLU D 102 -11.71 -11.96 -2.51
N LEU D 103 -10.89 -12.84 -1.94
CA LEU D 103 -11.11 -13.34 -0.59
C LEU D 103 -11.09 -12.25 0.47
N ALA D 104 -10.09 -11.37 0.40
CA ALA D 104 -9.95 -10.29 1.39
C ALA D 104 -11.09 -9.29 1.33
N ILE D 105 -11.66 -9.10 0.14
CA ILE D 105 -12.76 -8.14 -0.04
C ILE D 105 -14.11 -8.76 0.32
N HIS D 106 -14.39 -9.93 -0.23
CA HIS D 106 -15.72 -10.57 -0.12
C HIS D 106 -15.87 -11.56 1.04
N TYR D 107 -14.75 -12.02 1.63
CA TYR D 107 -14.80 -12.92 2.78
C TYR D 107 -13.79 -12.53 3.85
N PRO D 108 -13.84 -11.25 4.30
CA PRO D 108 -12.79 -10.72 5.18
C PRO D 108 -12.61 -11.47 6.48
N GLN D 109 -13.72 -11.99 7.01
CA GLN D 109 -13.70 -12.80 8.23
C GLN D 109 -12.85 -14.08 8.11
N ARG D 110 -12.63 -14.58 6.90
CA ARG D 110 -11.88 -15.79 6.66
C ARG D 110 -10.39 -15.58 6.47
N VAL D 111 -9.97 -14.31 6.36
CA VAL D 111 -8.59 -13.95 6.05
C VAL D 111 -7.97 -13.26 7.26
N ALA D 112 -6.95 -13.86 7.83
CA ALA D 112 -6.25 -13.32 8.99
C ALA D 112 -5.18 -12.31 8.58
N SER D 113 -4.37 -12.67 7.63
CA SER D 113 -3.43 -11.80 6.96
C SER D 113 -3.32 -12.19 5.50
N LEU D 114 -2.85 -11.26 4.68
CA LEU D 114 -2.97 -11.34 3.23
C LEU D 114 -1.60 -11.09 2.65
N ILE D 115 -1.13 -12.02 1.82
CA ILE D 115 0.11 -11.84 1.07
C ILE D 115 -0.20 -11.98 -0.43
N LEU D 116 0.16 -10.97 -1.19
CA LEU D 116 -0.16 -10.85 -2.60
C LEU D 116 1.12 -10.87 -3.41
N GLY D 117 1.36 -11.98 -4.10
CA GLY D 117 2.59 -12.21 -4.84
C GLY D 117 2.42 -11.99 -6.33
N CYS D 118 3.33 -11.24 -6.95
CA CYS D 118 3.33 -10.95 -8.38
C CYS D 118 1.92 -10.93 -9.01
N THR D 119 1.07 -10.08 -8.46
CA THR D 119 -0.30 -10.03 -8.91
C THR D 119 -0.70 -8.60 -9.27
N THR D 120 -2.00 -8.43 -9.57
CA THR D 120 -2.50 -7.17 -10.08
C THR D 120 -3.95 -6.99 -9.70
N PRO D 121 -4.39 -5.74 -9.52
CA PRO D 121 -5.82 -5.57 -9.29
C PRO D 121 -6.65 -5.55 -10.58
N GLY D 122 -6.00 -5.57 -11.74
CA GLY D 122 -6.69 -5.37 -13.01
C GLY D 122 -7.37 -4.02 -13.18
N GLY D 123 -8.03 -3.87 -14.33
CA GLY D 123 -8.78 -2.67 -14.66
C GLY D 123 -7.92 -1.50 -15.11
N LYS D 124 -8.56 -0.37 -15.35
CA LYS D 124 -7.93 0.80 -15.97
C LYS D 124 -6.81 1.44 -15.13
N HIS D 125 -6.83 1.26 -13.81
CA HIS D 125 -5.79 1.83 -12.96
C HIS D 125 -4.59 0.88 -12.81
N ALA D 126 -4.72 -0.36 -13.24
CA ALA D 126 -3.58 -1.29 -13.27
C ALA D 126 -2.74 -1.05 -14.49
N VAL D 127 -1.58 -1.66 -14.53
CA VAL D 127 -0.76 -1.75 -15.74
C VAL D 127 -0.78 -3.17 -16.27
N PRO D 128 -1.43 -3.39 -17.41
CA PRO D 128 -1.64 -4.72 -17.95
C PRO D 128 -0.38 -5.41 -18.42
N ALA D 129 -0.48 -6.73 -18.51
CA ALA D 129 0.61 -7.54 -19.00
C ALA D 129 0.90 -7.16 -20.45
N PRO D 130 2.18 -7.19 -20.86
CA PRO D 130 2.43 -7.01 -22.31
C PRO D 130 1.67 -8.08 -23.11
N PRO D 131 0.95 -7.68 -24.19
CA PRO D 131 0.26 -8.66 -25.06
C PRO D 131 1.12 -9.85 -25.54
N GLU D 132 2.41 -9.64 -25.79
CA GLU D 132 3.33 -10.75 -26.11
C GLU D 132 3.48 -11.78 -24.99
N SER D 133 3.53 -11.33 -23.74
CA SER D 133 3.59 -12.26 -22.59
C SER D 133 2.27 -13.02 -22.43
N LEU D 134 1.14 -12.32 -22.59
CA LEU D 134 -0.18 -12.93 -22.48
C LEU D 134 -0.42 -13.99 -23.57
N LYS D 135 -0.05 -13.67 -24.81
CA LYS D 135 -0.12 -14.61 -25.94
C LYS D 135 0.70 -15.85 -25.67
N ALA D 136 1.94 -15.66 -25.23
CA ALA D 136 2.82 -16.77 -24.87
C ALA D 136 2.20 -17.64 -23.74
N LEU D 137 1.58 -17.00 -22.77
CA LEU D 137 0.89 -17.68 -21.67
C LEU D 137 -0.34 -18.48 -22.12
N GLU D 138 -1.21 -17.84 -22.89
CA GLU D 138 -2.38 -18.51 -23.49
C GLU D 138 -1.97 -19.68 -24.40
N GLY D 139 -0.92 -19.46 -25.18
CA GLY D 139 -0.35 -20.45 -26.09
C GLY D 139 0.15 -21.74 -25.50
N ARG D 140 0.41 -21.80 -24.18
CA ARG D 140 0.92 -23.00 -23.52
C ARG D 140 -0.07 -24.14 -23.51
N ALA D 141 -1.38 -23.83 -23.62
CA ALA D 141 -2.40 -24.85 -23.84
C ALA D 141 -2.10 -25.72 -25.09
N GLY D 142 -1.61 -25.11 -26.17
CA GLY D 142 -1.34 -25.80 -27.42
C GLY D 142 0.05 -26.40 -27.60
N LEU D 143 0.90 -26.34 -26.57
CA LEU D 143 2.24 -26.94 -26.61
C LEU D 143 2.26 -28.31 -25.93
N THR D 144 3.32 -29.10 -26.22
CA THR D 144 3.70 -30.28 -25.42
C THR D 144 3.90 -29.91 -23.94
N PRO D 145 3.57 -30.82 -23.00
CA PRO D 145 3.63 -30.41 -21.59
C PRO D 145 5.02 -29.96 -21.13
N GLU D 146 6.04 -30.74 -21.46
CA GLU D 146 7.43 -30.41 -21.11
C GLU D 146 7.85 -29.08 -21.74
N GLU D 147 7.52 -28.83 -23.01
CA GLU D 147 7.92 -27.59 -23.65
C GLU D 147 7.11 -26.38 -23.12
N ALA D 148 5.87 -26.60 -22.70
CA ALA D 148 5.09 -25.59 -22.00
C ALA D 148 5.75 -25.14 -20.69
N ILE D 149 6.30 -26.11 -19.94
CA ILE D 149 7.02 -25.79 -18.72
C ILE D 149 8.28 -24.95 -19.01
N ARG D 150 9.07 -25.35 -20.00
CA ARG D 150 10.30 -24.62 -20.35
C ARG D 150 10.01 -23.23 -20.90
N GLU D 151 8.93 -23.08 -21.65
CA GLU D 151 8.47 -21.77 -22.15
C GLU D 151 7.94 -20.93 -21.00
N GLY D 152 7.25 -21.55 -20.04
CA GLY D 152 6.87 -20.88 -18.79
C GLY D 152 8.03 -20.26 -18.02
N TRP D 153 9.17 -20.93 -18.01
CA TRP D 153 10.38 -20.42 -17.32
C TRP D 153 10.89 -19.12 -17.95
N LYS D 154 10.81 -18.99 -19.25
CA LYS D 154 11.30 -17.77 -19.95
C LYS D 154 10.46 -16.55 -19.56
N LEU D 155 9.18 -16.74 -19.23
CA LEU D 155 8.37 -15.64 -18.69
C LEU D 155 8.67 -15.31 -17.23
N SER D 156 9.19 -16.27 -16.48
CA SER D 156 9.33 -16.19 -15.03
C SER D 156 10.72 -15.92 -14.51
N PHE D 157 11.74 -16.25 -15.30
CA PHE D 157 13.15 -16.20 -14.90
C PHE D 157 13.97 -15.60 -16.04
N SER D 158 14.99 -14.84 -15.70
CA SER D 158 15.98 -14.38 -16.68
C SER D 158 16.73 -15.55 -17.31
N GLU D 159 17.32 -15.30 -18.47
CA GLU D 159 18.15 -16.31 -19.16
C GLU D 159 19.33 -16.77 -18.31
N GLU D 160 19.97 -15.86 -17.60
CA GLU D 160 21.11 -16.20 -16.72
C GLU D 160 20.65 -17.08 -15.54
N PHE D 161 19.52 -16.74 -14.94
CA PHE D 161 18.98 -17.57 -13.86
C PHE D 161 18.67 -18.99 -14.35
N ILE D 162 18.04 -19.10 -15.51
CA ILE D 162 17.72 -20.41 -16.10
C ILE D 162 19.01 -21.23 -16.35
N HIS D 163 20.08 -20.56 -16.79
CA HIS D 163 21.37 -21.22 -17.05
C HIS D 163 22.02 -21.69 -15.74
N THR D 164 22.14 -20.79 -14.77
CA THR D 164 22.83 -21.09 -13.51
C THR D 164 22.05 -21.96 -12.51
N HIS D 165 20.73 -22.12 -12.72
CA HIS D 165 19.87 -22.95 -11.86
C HIS D 165 19.15 -24.04 -12.66
N LYS D 166 19.78 -24.49 -13.72
CA LYS D 166 19.24 -25.50 -14.65
C LYS D 166 18.80 -26.75 -13.93
N ALA D 167 19.73 -27.33 -13.16
CA ALA D 167 19.47 -28.61 -12.51
C ALA D 167 18.30 -28.51 -11.56
N GLU D 168 18.23 -27.43 -10.79
CA GLU D 168 17.12 -27.18 -9.85
C GLU D 168 15.77 -27.08 -10.57
N LEU D 169 15.72 -26.32 -11.65
CA LEU D 169 14.46 -26.17 -12.40
C LEU D 169 14.03 -27.51 -13.03
N GLU D 170 14.98 -28.20 -13.65
CA GLU D 170 14.70 -29.47 -14.32
C GLU D 170 14.29 -30.57 -13.39
N ALA D 171 14.78 -30.57 -12.16
CA ALA D 171 14.37 -31.58 -11.17
C ALA D 171 12.89 -31.53 -10.83
N HIS D 172 12.26 -30.37 -11.02
CA HIS D 172 10.82 -30.20 -10.79
C HIS D 172 9.94 -30.76 -11.91
N ILE D 173 10.51 -31.03 -13.09
CA ILE D 173 9.71 -31.43 -14.26
C ILE D 173 8.87 -32.69 -14.05
N PRO D 174 9.46 -33.80 -13.57
CA PRO D 174 8.65 -35.01 -13.36
C PRO D 174 7.43 -34.83 -12.46
N ARG D 175 7.57 -34.10 -11.37
CA ARG D 175 6.44 -33.82 -10.47
C ARG D 175 5.35 -32.98 -11.19
N LEU D 176 5.74 -32.06 -12.07
CA LEU D 176 4.76 -31.28 -12.86
C LEU D 176 4.09 -32.12 -13.95
N LEU D 177 4.84 -33.03 -14.57
CA LEU D 177 4.29 -33.87 -15.66
C LEU D 177 3.37 -34.99 -15.15
N ALA D 178 3.46 -35.31 -13.86
CA ALA D 178 2.63 -36.33 -13.25
C ALA D 178 1.14 -35.96 -13.23
N GLN D 179 0.83 -34.66 -13.18
CA GLN D 179 -0.54 -34.20 -13.06
C GLN D 179 -0.81 -33.03 -14.01
N LEU D 180 -1.19 -33.36 -15.23
CA LEU D 180 -1.28 -32.35 -16.28
C LEU D 180 -2.60 -31.61 -16.17
N THR D 181 -2.56 -30.30 -16.38
CA THR D 181 -3.79 -29.54 -16.57
C THR D 181 -4.21 -29.79 -18.02
N PRO D 182 -5.40 -30.35 -18.26
CA PRO D 182 -5.82 -30.50 -19.65
C PRO D 182 -6.09 -29.16 -20.35
N ARG D 183 -5.90 -29.17 -21.66
CA ARG D 183 -6.05 -27.97 -22.49
C ARG D 183 -7.33 -27.18 -22.22
N PHE D 184 -8.46 -27.87 -22.16
CA PHE D 184 -9.74 -27.21 -21.96
C PHE D 184 -9.79 -26.47 -20.62
N ALA D 185 -9.20 -27.08 -19.58
CA ALA D 185 -9.18 -26.51 -18.26
C ALA D 185 -8.25 -25.31 -18.19
N TYR D 186 -7.09 -25.44 -18.80
CA TYR D 186 -6.16 -24.32 -18.95
C TYR D 186 -6.80 -23.08 -19.59
N GLU D 187 -7.60 -23.31 -20.63
CA GLU D 187 -8.33 -22.23 -21.30
CA GLU D 187 -8.35 -22.24 -21.29
C GLU D 187 -9.38 -21.60 -20.36
N ARG D 188 -10.06 -22.44 -19.57
CA ARG D 188 -11.00 -21.92 -18.56
C ARG D 188 -10.31 -21.02 -17.52
N HIS D 189 -9.10 -21.41 -17.11
CA HIS D 189 -8.28 -20.60 -16.20
C HIS D 189 -7.86 -19.27 -16.84
N PHE D 190 -7.37 -19.34 -18.07
CA PHE D 190 -6.98 -18.15 -18.80
C PHE D 190 -8.14 -17.11 -18.89
N GLN D 191 -9.31 -17.58 -19.30
CA GLN D 191 -10.48 -16.71 -19.34
C GLN D 191 -10.88 -16.18 -17.95
N ALA D 192 -10.70 -17.01 -16.92
CA ALA D 192 -10.97 -16.59 -15.54
C ALA D 192 -10.17 -15.34 -15.15
N THR D 193 -8.94 -15.23 -15.67
CA THR D 193 -8.10 -14.09 -15.34
C THR D 193 -8.68 -12.73 -15.77
N MET D 194 -9.63 -12.73 -16.72
CA MET D 194 -10.32 -11.50 -17.14
C MET D 194 -11.59 -11.16 -16.36
N THR D 195 -11.90 -11.92 -15.31
CA THR D 195 -13.11 -11.68 -14.52
C THR D 195 -12.87 -10.91 -13.23
N LEU D 196 -11.67 -10.39 -13.03
CA LEU D 196 -11.33 -9.67 -11.78
C LEU D 196 -11.86 -8.24 -11.78
N ARG D 197 -12.70 -7.91 -10.82
CA ARG D 197 -13.13 -6.51 -10.60
C ARG D 197 -12.99 -6.09 -9.15
N VAL D 198 -11.82 -5.61 -8.75
CA VAL D 198 -11.55 -5.34 -7.31
C VAL D 198 -10.96 -3.97 -6.96
N PHE D 199 -10.50 -3.22 -7.96
CA PHE D 199 -9.70 -2.04 -7.68
C PHE D 199 -10.36 -1.04 -6.69
N LYS D 200 -11.58 -0.66 -6.96
CA LYS D 200 -12.29 0.30 -6.12
C LYS D 200 -12.47 -0.19 -4.66
N GLN D 201 -12.51 -1.51 -4.46
CA GLN D 201 -12.68 -2.04 -3.12
C GLN D 201 -11.38 -2.35 -2.36
N LEU D 202 -10.23 -2.18 -2.99
CA LEU D 202 -8.95 -2.43 -2.32
C LEU D 202 -8.77 -1.61 -1.05
N LYS D 203 -9.24 -0.35 -1.09
CA LYS D 203 -9.15 0.56 0.07
C LYS D 203 -9.94 0.11 1.28
N GLU D 204 -10.90 -0.78 1.08
CA GLU D 204 -11.71 -1.35 2.17
C GLU D 204 -11.08 -2.57 2.86
N ILE D 205 -10.00 -3.14 2.30
CA ILE D 205 -9.37 -4.34 2.86
C ILE D 205 -8.78 -4.00 4.21
N GLN D 206 -9.23 -4.70 5.26
CA GLN D 206 -8.78 -4.50 6.65
C GLN D 206 -7.67 -5.46 7.07
N ALA D 207 -7.46 -6.54 6.32
CA ALA D 207 -6.38 -7.47 6.61
C ALA D 207 -5.01 -6.79 6.56
N PRO D 208 -4.15 -7.03 7.57
CA PRO D 208 -2.75 -6.66 7.39
C PRO D 208 -2.19 -7.38 6.17
N THR D 209 -1.46 -6.64 5.35
CA THR D 209 -1.11 -7.07 4.03
C THR D 209 0.36 -6.91 3.73
N LEU D 210 0.91 -7.90 3.05
CA LEU D 210 2.23 -7.84 2.44
C LEU D 210 2.05 -8.05 0.96
N VAL D 211 2.62 -7.16 0.15
CA VAL D 211 2.61 -7.23 -1.30
C VAL D 211 4.05 -7.45 -1.74
N ALA D 212 4.28 -8.49 -2.53
CA ALA D 212 5.63 -8.89 -2.92
C ALA D 212 5.71 -9.23 -4.40
N THR D 213 6.79 -8.85 -5.06
CA THR D 213 7.05 -9.29 -6.44
C THR D 213 8.53 -9.15 -6.79
N GLY D 214 8.92 -9.64 -7.95
CA GLY D 214 10.24 -9.41 -8.51
C GLY D 214 10.18 -8.16 -9.38
N ARG D 215 11.20 -7.31 -9.27
CA ARG D 215 11.27 -6.03 -9.99
C ARG D 215 11.15 -6.18 -11.50
N ASP D 216 11.76 -7.25 -12.04
CA ASP D 216 11.85 -7.47 -13.47
C ASP D 216 10.83 -8.48 -13.99
N ASP D 217 9.63 -8.45 -13.43
CA ASP D 217 8.55 -9.36 -13.83
C ASP D 217 8.12 -8.99 -15.26
N MET D 218 8.27 -9.94 -16.18
CA MET D 218 7.98 -9.77 -17.61
C MET D 218 6.54 -10.12 -17.96
N LEU D 219 5.82 -10.77 -17.03
CA LEU D 219 4.42 -11.07 -17.24
C LEU D 219 3.52 -9.99 -16.63
N ILE D 220 3.73 -9.67 -15.35
CA ILE D 220 2.91 -8.70 -14.64
C ILE D 220 3.82 -7.61 -14.16
N PRO D 221 3.71 -6.41 -14.77
CA PRO D 221 4.66 -5.35 -14.41
C PRO D 221 4.65 -5.09 -12.91
N ALA D 222 5.86 -4.96 -12.35
CA ALA D 222 6.01 -4.85 -10.91
C ALA D 222 5.35 -3.62 -10.31
N VAL D 223 5.14 -2.58 -11.14
CA VAL D 223 4.46 -1.39 -10.71
C VAL D 223 3.05 -1.68 -10.14
N ASN D 224 2.42 -2.76 -10.60
CA ASN D 224 1.13 -3.18 -10.02
C ASN D 224 1.20 -3.48 -8.52
N SER D 225 2.33 -3.99 -8.04
CA SER D 225 2.56 -4.21 -6.61
C SER D 225 2.64 -2.91 -5.86
N GLU D 226 3.27 -1.90 -6.48
CA GLU D 226 3.32 -0.56 -5.87
C GLU D 226 1.90 0.00 -5.77
N ILE D 227 1.11 -0.20 -6.83
CA ILE D 227 -0.29 0.26 -6.83
C ILE D 227 -1.09 -0.45 -5.73
N LEU D 228 -0.97 -1.80 -5.65
CA LEU D 228 -1.66 -2.56 -4.59
C LEU D 228 -1.28 -2.06 -3.20
N ALA D 229 0.02 -1.90 -2.96
CA ALA D 229 0.52 -1.45 -1.64
C ALA D 229 0.03 -0.06 -1.26
N ARG D 230 -0.12 0.82 -2.24
CA ARG D 230 -0.61 2.17 -1.99
C ARG D 230 -2.10 2.17 -1.62
N GLU D 231 -2.89 1.38 -2.34
CA GLU D 231 -4.34 1.32 -2.19
C GLU D 231 -4.84 0.62 -0.93
N ILE D 232 -4.13 -0.43 -0.51
CA ILE D 232 -4.54 -1.19 0.69
C ILE D 232 -3.99 -0.50 1.94
N PRO D 233 -4.86 -0.03 2.86
CA PRO D 233 -4.36 0.67 4.07
C PRO D 233 -3.36 -0.17 4.86
N GLY D 234 -2.24 0.43 5.21
CA GLY D 234 -1.25 -0.24 6.02
C GLY D 234 -0.41 -1.33 5.34
N ALA D 235 -0.59 -1.55 4.05
CA ALA D 235 0.06 -2.64 3.35
C ALA D 235 1.57 -2.41 3.24
N GLU D 236 2.33 -3.48 3.42
CA GLU D 236 3.78 -3.46 3.28
C GLU D 236 4.17 -3.95 1.90
N LEU D 237 5.30 -3.47 1.40
CA LEU D 237 5.79 -3.80 0.06
C LEU D 237 7.18 -4.39 0.11
N ALA D 238 7.40 -5.50 -0.61
CA ALA D 238 8.72 -6.04 -0.82
C ALA D 238 8.92 -6.28 -2.31
N ILE D 239 9.79 -5.52 -2.94
CA ILE D 239 10.17 -5.74 -4.32
C ILE D 239 11.60 -6.24 -4.36
N PHE D 240 11.79 -7.41 -4.97
CA PHE D 240 13.11 -8.07 -5.02
C PHE D 240 13.83 -7.77 -6.31
N GLU D 241 15.04 -7.26 -6.19
CA GLU D 241 15.88 -6.90 -7.32
C GLU D 241 16.35 -8.21 -8.00
N SER D 242 16.53 -8.16 -9.30
CA SER D 242 17.08 -9.28 -10.05
C SER D 242 16.24 -10.55 -9.98
N ALA D 243 14.93 -10.36 -10.04
CA ALA D 243 13.96 -11.40 -9.96
C ALA D 243 12.71 -10.97 -10.68
N GLY D 244 11.94 -11.95 -11.17
CA GLY D 244 10.77 -11.65 -11.99
C GLY D 244 9.54 -12.34 -11.45
N HIS D 245 8.72 -12.85 -12.36
CA HIS D 245 7.49 -13.48 -11.97
C HIS D 245 7.72 -14.67 -11.03
N GLY D 246 8.82 -15.40 -11.27
CA GLY D 246 9.20 -16.56 -10.46
C GLY D 246 9.97 -16.25 -9.18
N PHE D 247 9.76 -15.05 -8.59
CA PHE D 247 10.48 -14.60 -7.39
C PHE D 247 10.39 -15.53 -6.19
N VAL D 248 9.31 -16.27 -6.04
CA VAL D 248 9.22 -17.26 -4.96
C VAL D 248 10.40 -18.28 -5.04
N THR D 249 10.83 -18.61 -6.26
CA THR D 249 12.03 -19.44 -6.48
C THR D 249 13.33 -18.61 -6.58
N SER D 250 13.35 -17.60 -7.44
CA SER D 250 14.55 -16.83 -7.72
C SER D 250 14.99 -15.88 -6.62
N ALA D 251 14.06 -15.51 -5.74
CA ALA D 251 14.36 -14.70 -4.57
C ALA D 251 13.87 -15.42 -3.31
N ARG D 252 14.04 -16.74 -3.29
CA ARG D 252 13.41 -17.57 -2.25
C ARG D 252 13.87 -17.24 -0.85
N GLU D 253 15.17 -17.13 -0.62
CA GLU D 253 15.65 -16.84 0.74
C GLU D 253 15.31 -15.43 1.21
N PRO D 254 15.52 -14.41 0.34
CA PRO D 254 15.12 -13.08 0.80
C PRO D 254 13.62 -12.96 1.03
N PHE D 255 12.81 -13.62 0.20
CA PHE D 255 11.38 -13.59 0.35
C PHE D 255 10.93 -14.38 1.59
N LEU D 256 11.51 -15.56 1.80
CA LEU D 256 11.23 -16.29 3.04
C LEU D 256 11.48 -15.45 4.27
N LYS D 257 12.59 -14.74 4.28
CA LYS D 257 12.94 -13.88 5.40
C LYS D 257 11.86 -12.82 5.61
N VAL D 258 11.44 -12.16 4.54
CA VAL D 258 10.40 -11.14 4.64
C VAL D 258 9.05 -11.74 5.06
N LEU D 259 8.68 -12.85 4.42
CA LEU D 259 7.41 -13.51 4.70
C LEU D 259 7.31 -13.99 6.15
N LYS D 260 8.37 -14.63 6.65
CA LYS D 260 8.36 -15.15 8.03
C LYS D 260 8.28 -14.06 9.07
N GLU D 261 8.97 -12.95 8.80
CA GLU D 261 8.97 -11.80 9.69
C GLU D 261 7.58 -11.15 9.72
N PHE D 262 6.95 -11.07 8.55
CA PHE D 262 5.61 -10.53 8.46
C PHE D 262 4.60 -11.42 9.21
N LEU D 263 4.68 -12.72 8.99
CA LEU D 263 3.77 -13.66 9.63
C LEU D 263 3.96 -13.80 11.14
N ALA D 264 5.19 -13.61 11.63
CA ALA D 264 5.45 -13.67 13.08
C ALA D 264 4.71 -12.55 13.86
N ARG D 265 4.38 -11.46 13.18
CA ARG D 265 3.61 -10.38 13.77
C ARG D 265 2.10 -10.52 13.54
N GLN D 266 1.65 -11.64 13.01
CA GLN D 266 0.22 -11.85 12.73
C GLN D 266 -0.36 -12.96 13.58
N SER D 267 -1.70 -13.00 13.62
CA SER D 267 -2.43 -14.06 14.33
C SER D 267 -3.78 -14.33 13.70
N VAL D 268 -4.34 -15.50 14.00
CA VAL D 268 -5.69 -15.86 13.59
C VAL D 268 -6.70 -15.61 14.72
C1 GOL E . -28.81 -9.85 32.52
O1 GOL E . -28.48 -9.70 33.90
C2 GOL E . -27.51 -9.90 31.73
O2 GOL E . -26.68 -10.94 32.28
C3 GOL E . -27.77 -10.26 30.29
O3 GOL E . -28.36 -9.22 29.49
C1 GOL F . -34.29 3.26 11.19
O1 GOL F . -35.00 4.35 10.62
C2 GOL F . -34.74 2.99 12.63
O2 GOL F . -36.11 2.54 12.57
C3 GOL F . -34.60 4.18 13.60
O3 GOL F . -33.51 4.00 14.53
C1 GOL G . -30.24 -8.75 44.02
O1 GOL G . -29.58 -9.11 42.80
C2 GOL G . -31.73 -9.11 43.96
O2 GOL G . -32.43 -8.44 45.02
C3 GOL G . -31.93 -10.62 44.11
O3 GOL G . -32.98 -11.08 43.24
O1 J3J H . -31.52 4.62 6.26
C1 J3J H . -30.83 5.44 5.30
C2 J3J H . -29.34 5.61 5.61
C3 J3J H . -29.20 6.07 7.07
O2 J3J H . -27.83 6.06 7.51
O3 J3J H . -28.62 4.38 5.35
C4 J3J H . -27.75 4.38 4.17
O4 J3J H . -28.11 3.78 3.17
C5 J3J H . -26.42 5.12 4.17
C6 J3J H . -25.25 4.14 4.05
C7 J3J H . -23.90 4.84 4.16
C1 EDO I . 4.60 19.18 -12.39
O1 EDO I . 3.27 19.45 -12.84
C2 EDO I . 4.67 19.13 -10.87
O2 EDO I . 3.60 18.34 -10.31
C J3G J . -1.07 23.43 -18.11
C2 J3G J . 0.31 24.85 -19.65
O2 J3G J . 5.60 27.25 -21.20
C3 J3G J . 1.82 24.93 -19.85
O3 J3G J . 4.43 29.17 -21.59
C7 J3G J . 5.53 28.66 -21.45
C8 J3G J . 6.83 29.45 -21.53
C9 J3G J . 7.79 28.99 -20.43
C10 J3G J . 8.70 30.11 -19.98
C6 J3G J . 4.45 26.46 -21.45
C5 J3G J . 4.88 25.00 -21.33
O4 J3G J . 5.71 24.66 -22.44
C4 J3G J . 3.74 23.99 -21.18
O1 J3G J . 2.41 24.54 -21.12
O5 J3G J . 2.56 25.33 -18.96
C1 J3G J . -0.06 24.54 -18.19
P PO4 K . -3.08 13.98 -47.03
O1 PO4 K . -3.27 13.76 -45.55
O2 PO4 K . -2.23 12.89 -47.64
O3 PO4 K . -4.44 13.93 -47.72
O4 PO4 K . -2.39 15.32 -47.23
CD ABU L . 9.02 3.07 11.78
CB ABU L . 9.66 4.43 11.56
CG ABU L . 8.76 5.57 12.05
C ABU L . 9.47 6.91 12.07
O ABU L . 9.03 7.81 12.82
OXT ABU L . 10.50 7.08 11.36
S SO4 M . 35.77 6.97 22.30
O1 SO4 M . 36.36 7.84 23.36
O2 SO4 M . 36.35 5.62 22.39
O3 SO4 M . 36.07 7.54 20.96
O4 SO4 M . 34.30 6.87 22.51
S SO4 N . 27.93 0.62 -1.26
O1 SO4 N . 26.65 0.84 -0.55
O2 SO4 N . 28.71 -0.43 -0.55
O3 SO4 N . 27.66 0.18 -2.64
O4 SO4 N . 28.72 1.87 -1.25
C1 EDO O . 30.59 -2.83 2.34
O1 EDO O . 29.90 -2.35 1.17
C2 EDO O . 30.08 -4.23 2.71
O2 EDO O . 30.31 -4.50 4.09
C1 EDO P . 8.47 18.02 18.31
O1 EDO P . 8.64 18.76 19.52
C2 EDO P . 7.01 18.13 17.84
O2 EDO P . 6.52 16.82 17.51
CD ABU Q . -2.20 -13.40 -15.67
CB ABU Q . -2.17 -14.67 -14.84
CG ABU Q . -0.76 -15.29 -14.75
C ABU Q . -0.57 -16.43 -13.75
O ABU Q . -1.48 -16.73 -12.96
OXT ABU Q . 0.54 -17.04 -13.69
S SO4 R . -12.25 -0.51 -14.87
O1 SO4 R . -11.44 -0.29 -13.65
O2 SO4 R . -12.92 -1.83 -14.80
O3 SO4 R . -13.29 0.54 -14.99
O4 SO4 R . -11.40 -0.49 -16.08
S SO4 S . -8.15 -35.73 -15.25
O1 SO4 S . -7.05 -35.70 -14.27
O2 SO4 S . -8.36 -37.11 -15.73
O3 SO4 S . -7.80 -34.87 -16.41
O4 SO4 S . -9.40 -35.25 -14.62
C1 GOL T . -6.44 -8.81 -16.18
O1 GOL T . -6.88 -7.79 -15.26
C2 GOL T . -4.91 -8.81 -16.28
O2 GOL T . -4.44 -10.14 -16.54
C3 GOL T . -4.44 -7.84 -17.37
O3 GOL T . -3.07 -8.12 -17.75
#